data_1EYX
#
_entry.id   1EYX
#
_cell.length_a   187.268
_cell.length_b   187.268
_cell.length_c   59.109
_cell.angle_alpha   90.00
_cell.angle_beta   90.00
_cell.angle_gamma   120.00
#
_symmetry.space_group_name_H-M   'H 3'
#
loop_
_entity.id
_entity.type
_entity.pdbx_description
1 polymer R-PHYCOERYTHRIN
2 polymer R-PHYCOERYTHRIN
3 polymer R-PHYCOERYTHRIN
4 non-polymer 'SULFATE ION'
5 non-polymer PHYCOCYANOBILIN
6 non-polymer PHYCOUROBILIN
7 water water
#
loop_
_entity_poly.entity_id
_entity_poly.type
_entity_poly.pdbx_seq_one_letter_code
_entity_poly.pdbx_strand_id
1 'polypeptide(L)'
;MKSVITTVISAADSAGRFPSSSDLESVQGNIQRASARLEAAEKLASNHEAVVKEAGDACFGKYGYLKNPGEAGENQEKIN
KCYRDIDHYMRLVNYSLVIGGTGPLDEWGIAGAREVYRTLNLPTSAYIAAFAFTRDRLCGPRDMSAQAGVEYSTALDYII
NSLS
;
A,K
2 'polypeptide(L)'
;MLDAFSRVISNADAKAAYVGGSDLQALRTFISDGNKRLDAVNYIVSNSSCIVSDAISGMICENPGLITPGG(MEN)CYTN
RRMAACLRDGEIILRYISYALLAGDSSVLEDRCLNGLKETYIALGVPTNSTVRAVSIMKAAVGAFISNTASQRKGEVIEG
DCSALAAEIASYCDRISAAVS
;
B,L
3 'polypeptide(L)' AAFRAA G,H
#
# COMPACT_ATOMS: atom_id res chain seq x y z
N MET A 1 -7.66 -11.33 -3.27
CA MET A 1 -8.17 -10.08 -3.82
C MET A 1 -7.24 -8.92 -3.46
N LYS A 2 -6.66 -8.28 -4.46
CA LYS A 2 -5.80 -7.13 -4.24
C LYS A 2 -6.62 -5.86 -3.97
N SER A 3 -6.38 -5.28 -2.81
CA SER A 3 -6.95 -3.98 -2.47
C SER A 3 -5.95 -3.12 -1.71
N VAL A 4 -6.42 -1.98 -1.21
CA VAL A 4 -5.56 -1.09 -0.46
C VAL A 4 -5.10 -1.75 0.83
N ILE A 5 -6.05 -2.40 1.49
CA ILE A 5 -5.83 -3.13 2.74
C ILE A 5 -4.98 -4.37 2.52
N THR A 6 -5.40 -5.20 1.57
CA THR A 6 -4.75 -6.46 1.24
C THR A 6 -3.30 -6.26 0.84
N THR A 7 -3.02 -5.14 0.17
CA THR A 7 -1.66 -4.79 -0.24
C THR A 7 -0.82 -4.33 0.95
N VAL A 8 -1.44 -3.47 1.75
CA VAL A 8 -0.84 -2.84 2.91
C VAL A 8 -0.56 -3.85 4.02
N ILE A 9 -1.39 -4.87 4.11
CA ILE A 9 -1.15 -5.91 5.12
C ILE A 9 -0.14 -6.92 4.61
N SER A 10 -0.13 -7.13 3.29
CA SER A 10 0.79 -8.08 2.68
C SER A 10 2.22 -7.54 2.68
N ALA A 11 2.36 -6.22 2.52
CA ALA A 11 3.67 -5.58 2.54
C ALA A 11 4.27 -5.59 3.94
N ALA A 12 3.41 -5.49 4.95
CA ALA A 12 3.86 -5.45 6.34
C ALA A 12 4.16 -6.85 6.87
N ASP A 13 3.35 -7.83 6.49
CA ASP A 13 3.58 -9.21 6.89
C ASP A 13 4.89 -9.75 6.33
N SER A 14 5.25 -9.27 5.15
CA SER A 14 6.47 -9.69 4.45
C SER A 14 7.72 -9.27 5.21
N ALA A 15 7.60 -8.21 6.00
CA ALA A 15 8.71 -7.69 6.79
C ALA A 15 8.47 -7.93 8.28
N GLY A 16 7.43 -8.67 8.61
CA GLY A 16 7.07 -8.99 9.98
C GLY A 16 6.79 -7.75 10.81
N ARG A 17 6.10 -6.79 10.21
CA ARG A 17 5.84 -5.52 10.89
C ARG A 17 4.38 -5.39 11.29
N PHE A 18 4.16 -4.78 12.45
CA PHE A 18 2.82 -4.34 12.83
C PHE A 18 2.39 -3.23 11.87
N PRO A 19 1.11 -3.12 11.59
CA PRO A 19 0.61 -1.99 10.79
C PRO A 19 1.18 -0.67 11.32
N SER A 20 1.54 0.26 10.43
CA SER A 20 2.04 1.55 10.90
C SER A 20 1.32 2.70 10.20
N SER A 21 1.94 3.87 10.23
CA SER A 21 1.35 5.11 9.74
C SER A 21 1.00 5.01 8.27
N SER A 22 1.96 4.66 7.43
CA SER A 22 1.76 4.59 5.99
C SER A 22 0.67 3.60 5.62
N ASP A 23 0.38 2.70 6.54
CA ASP A 23 -0.62 1.67 6.37
C ASP A 23 -2.00 2.19 6.76
N LEU A 24 -2.07 2.85 7.91
CA LEU A 24 -3.32 3.44 8.39
C LEU A 24 -3.73 4.61 7.52
N GLU A 25 -2.73 5.29 6.97
CA GLU A 25 -2.94 6.44 6.09
C GLU A 25 -3.43 6.02 4.72
N SER A 26 -2.99 4.84 4.27
CA SER A 26 -3.45 4.32 2.98
C SER A 26 -4.94 3.97 3.03
N VAL A 27 -5.41 3.52 4.18
CA VAL A 27 -6.83 3.15 4.32
C VAL A 27 -7.69 4.40 4.43
N GLN A 28 -7.08 5.53 4.78
CA GLN A 28 -7.79 6.80 4.76
C GLN A 28 -8.18 7.17 3.32
N GLY A 29 -7.52 6.50 2.37
CA GLY A 29 -7.80 6.64 0.95
C GLY A 29 -9.11 5.93 0.62
N ASN A 30 -9.33 4.78 1.25
CA ASN A 30 -10.54 4.01 1.08
C ASN A 30 -11.77 4.83 1.46
N ILE A 31 -11.74 5.32 2.68
CA ILE A 31 -12.76 6.12 3.33
C ILE A 31 -13.08 7.39 2.55
N GLN A 32 -12.18 7.78 1.66
CA GLN A 32 -12.41 8.95 0.81
C GLN A 32 -12.98 8.55 -0.55
N ARG A 33 -12.47 7.45 -1.09
CA ARG A 33 -12.73 7.04 -2.45
C ARG A 33 -13.78 5.95 -2.53
N ALA A 34 -14.10 5.30 -1.42
CA ALA A 34 -15.05 4.19 -1.47
C ALA A 34 -16.40 4.62 -2.05
N SER A 35 -16.90 5.75 -1.58
CA SER A 35 -18.17 6.32 -1.99
C SER A 35 -18.33 6.29 -3.51
N ALA A 36 -17.41 6.94 -4.19
CA ALA A 36 -17.44 7.03 -5.66
C ALA A 36 -17.60 5.65 -6.29
N ARG A 37 -16.63 4.77 -6.08
CA ARG A 37 -16.68 3.44 -6.67
C ARG A 37 -17.87 2.63 -6.15
N LEU A 38 -18.35 2.99 -4.95
CA LEU A 38 -19.53 2.31 -4.41
C LEU A 38 -20.78 2.75 -5.17
N GLU A 39 -20.74 3.96 -5.71
CA GLU A 39 -21.84 4.48 -6.50
C GLU A 39 -22.01 3.67 -7.78
N ALA A 40 -21.01 3.75 -8.65
CA ALA A 40 -21.00 3.02 -9.91
C ALA A 40 -21.25 1.52 -9.71
N ALA A 41 -20.79 0.98 -8.59
CA ALA A 41 -21.03 -0.43 -8.30
C ALA A 41 -22.52 -0.75 -8.31
N GLU A 42 -23.28 0.02 -7.54
CA GLU A 42 -24.72 -0.14 -7.45
C GLU A 42 -25.40 0.25 -8.75
N LYS A 43 -24.74 1.10 -9.53
CA LYS A 43 -25.22 1.46 -10.86
C LYS A 43 -25.21 0.24 -11.78
N LEU A 44 -24.17 -0.58 -11.63
CA LEU A 44 -24.03 -1.80 -12.42
C LEU A 44 -25.06 -2.84 -12.02
N ALA A 45 -25.11 -3.12 -10.72
CA ALA A 45 -26.07 -4.07 -10.17
C ALA A 45 -27.50 -3.71 -10.54
N SER A 46 -27.80 -2.42 -10.50
CA SER A 46 -29.16 -1.94 -10.71
C SER A 46 -29.55 -2.03 -12.18
N ASN A 47 -28.58 -2.03 -13.10
CA ASN A 47 -28.93 -2.01 -14.51
C ASN A 47 -27.92 -2.77 -15.38
N HIS A 48 -27.43 -3.90 -14.89
CA HIS A 48 -26.35 -4.59 -15.59
C HIS A 48 -26.84 -5.38 -16.80
N GLU A 49 -28.13 -5.69 -16.87
CA GLU A 49 -28.60 -6.47 -18.02
C GLU A 49 -28.79 -5.57 -19.24
N ALA A 50 -29.07 -4.29 -18.99
CA ALA A 50 -29.29 -3.36 -20.10
C ALA A 50 -27.95 -2.95 -20.70
N VAL A 51 -26.93 -2.87 -19.86
CA VAL A 51 -25.60 -2.44 -20.27
C VAL A 51 -24.90 -3.52 -21.10
N VAL A 52 -25.22 -4.77 -20.80
CA VAL A 52 -24.60 -5.92 -21.43
C VAL A 52 -25.19 -6.21 -22.81
N LYS A 53 -26.48 -5.94 -22.98
CA LYS A 53 -27.08 -6.10 -24.30
C LYS A 53 -26.48 -5.10 -25.27
N GLU A 54 -26.33 -3.87 -24.77
CA GLU A 54 -25.71 -2.78 -25.48
C GLU A 54 -24.27 -3.11 -25.88
N ALA A 55 -23.54 -3.66 -24.92
CA ALA A 55 -22.17 -4.11 -25.15
C ALA A 55 -22.15 -5.30 -26.10
N GLY A 56 -23.06 -6.25 -25.88
CA GLY A 56 -23.13 -7.43 -26.72
C GLY A 56 -23.46 -7.08 -28.16
N ASP A 57 -24.44 -6.20 -28.33
CA ASP A 57 -24.91 -5.76 -29.64
C ASP A 57 -23.78 -5.18 -30.49
N ALA A 58 -23.15 -4.14 -29.94
CA ALA A 58 -22.04 -3.47 -30.60
C ALA A 58 -20.98 -4.46 -31.06
N CYS A 59 -20.67 -5.43 -30.20
CA CYS A 59 -19.68 -6.45 -30.52
C CYS A 59 -20.04 -7.16 -31.83
N PHE A 60 -21.24 -7.74 -31.87
CA PHE A 60 -21.69 -8.48 -33.05
C PHE A 60 -22.11 -7.54 -34.17
N GLY A 61 -22.42 -6.30 -33.81
CA GLY A 61 -22.77 -5.30 -34.81
C GLY A 61 -21.54 -4.82 -35.57
N LYS A 62 -20.40 -4.78 -34.88
CA LYS A 62 -19.14 -4.39 -35.50
C LYS A 62 -18.54 -5.53 -36.30
N TYR A 63 -18.64 -6.75 -35.76
CA TYR A 63 -18.02 -7.93 -36.35
C TYR A 63 -19.07 -8.96 -36.76
N GLY A 64 -19.71 -8.71 -37.91
CA GLY A 64 -20.75 -9.59 -38.40
C GLY A 64 -20.25 -10.98 -38.72
N TYR A 65 -18.97 -11.08 -39.09
CA TYR A 65 -18.37 -12.34 -39.48
C TYR A 65 -18.50 -13.40 -38.39
N LEU A 66 -18.65 -12.95 -37.15
CA LEU A 66 -18.77 -13.87 -36.03
C LEU A 66 -20.03 -14.73 -36.15
N LYS A 67 -21.00 -14.28 -36.93
CA LYS A 67 -22.24 -15.04 -37.11
C LYS A 67 -22.11 -16.06 -38.23
N ASN A 68 -20.87 -16.35 -38.62
CA ASN A 68 -20.54 -17.24 -39.71
C ASN A 68 -20.30 -18.66 -39.23
N PRO A 69 -20.36 -19.64 -40.14
CA PRO A 69 -20.17 -21.05 -39.75
C PRO A 69 -18.74 -21.33 -39.32
N GLY A 70 -18.61 -22.21 -38.34
CA GLY A 70 -17.31 -22.55 -37.78
C GLY A 70 -16.74 -21.38 -36.98
N GLU A 71 -17.60 -20.40 -36.72
CA GLU A 71 -17.17 -19.19 -36.02
C GLU A 71 -17.50 -19.27 -34.53
N ALA A 72 -17.48 -18.12 -33.85
CA ALA A 72 -17.72 -18.10 -32.41
C ALA A 72 -19.17 -17.76 -32.09
N GLY A 73 -19.87 -17.17 -33.05
CA GLY A 73 -21.28 -16.85 -32.87
C GLY A 73 -22.15 -17.51 -33.91
N GLU A 74 -21.67 -18.63 -34.47
CA GLU A 74 -22.36 -19.31 -35.56
C GLU A 74 -23.77 -19.75 -35.19
N ASN A 75 -24.04 -19.89 -33.89
CA ASN A 75 -25.37 -20.26 -33.43
C ASN A 75 -25.70 -19.54 -32.13
N GLN A 76 -27.00 -19.39 -31.85
CA GLN A 76 -27.45 -18.66 -30.68
C GLN A 76 -26.82 -19.18 -29.40
N GLU A 77 -26.45 -20.46 -29.40
CA GLU A 77 -25.76 -21.09 -28.29
C GLU A 77 -24.47 -20.36 -27.95
N LYS A 78 -23.57 -20.31 -28.93
CA LYS A 78 -22.28 -19.64 -28.76
C LYS A 78 -22.47 -18.13 -28.62
N ILE A 79 -23.53 -17.62 -29.22
CA ILE A 79 -23.83 -16.19 -29.17
C ILE A 79 -24.23 -15.76 -27.76
N ASN A 80 -25.11 -16.55 -27.17
CA ASN A 80 -25.63 -16.40 -25.82
C ASN A 80 -24.51 -16.47 -24.78
N LYS A 81 -23.50 -17.26 -25.10
CA LYS A 81 -22.31 -17.41 -24.27
C LYS A 81 -21.40 -16.18 -24.39
N CYS A 82 -21.54 -15.44 -25.48
CA CYS A 82 -20.77 -14.20 -25.66
C CYS A 82 -21.28 -13.12 -24.72
N TYR A 83 -22.59 -12.92 -24.75
CA TYR A 83 -23.27 -11.95 -23.90
C TYR A 83 -23.14 -12.35 -22.43
N ARG A 84 -22.98 -13.65 -22.20
CA ARG A 84 -22.81 -14.21 -20.87
C ARG A 84 -21.45 -13.85 -20.29
N ASP A 85 -20.40 -13.93 -21.10
CA ASP A 85 -19.06 -13.58 -20.66
C ASP A 85 -18.97 -12.08 -20.37
N ILE A 86 -19.56 -11.29 -21.27
CA ILE A 86 -19.61 -9.84 -21.08
C ILE A 86 -20.16 -9.52 -19.70
N ASP A 87 -21.16 -10.29 -19.31
CA ASP A 87 -21.83 -10.13 -18.02
C ASP A 87 -20.91 -10.56 -16.87
N HIS A 88 -20.16 -11.64 -17.11
CA HIS A 88 -19.20 -12.12 -16.12
C HIS A 88 -18.18 -11.02 -15.81
N TYR A 89 -17.65 -10.43 -16.87
CA TYR A 89 -16.71 -9.32 -16.81
C TYR A 89 -17.32 -8.12 -16.10
N MET A 90 -18.54 -7.75 -16.51
CA MET A 90 -19.27 -6.62 -15.97
C MET A 90 -19.58 -6.81 -14.49
N ARG A 91 -19.75 -8.06 -14.10
CA ARG A 91 -20.03 -8.42 -12.70
C ARG A 91 -18.75 -8.34 -11.86
N LEU A 92 -17.61 -8.64 -12.47
CA LEU A 92 -16.34 -8.56 -11.78
C LEU A 92 -15.87 -7.10 -11.70
N VAL A 93 -16.40 -6.29 -12.60
CA VAL A 93 -16.24 -4.84 -12.58
C VAL A 93 -16.89 -4.26 -11.33
N ASN A 94 -18.08 -4.76 -11.05
CA ASN A 94 -18.86 -4.45 -9.87
C ASN A 94 -18.12 -4.90 -8.61
N TYR A 95 -17.47 -6.04 -8.71
CA TYR A 95 -16.74 -6.63 -7.60
C TYR A 95 -15.51 -5.80 -7.27
N SER A 96 -14.78 -5.42 -8.32
CA SER A 96 -13.55 -4.66 -8.19
C SER A 96 -13.83 -3.25 -7.65
N LEU A 97 -14.97 -2.70 -8.03
CA LEU A 97 -15.41 -1.40 -7.53
C LEU A 97 -15.76 -1.45 -6.04
N VAL A 98 -16.26 -2.59 -5.58
CA VAL A 98 -16.59 -2.76 -4.18
C VAL A 98 -15.34 -3.08 -3.35
N ILE A 99 -14.41 -3.80 -3.95
CA ILE A 99 -13.12 -4.10 -3.35
C ILE A 99 -12.20 -2.89 -3.38
N GLY A 100 -12.42 -2.01 -4.35
CA GLY A 100 -11.59 -0.83 -4.50
C GLY A 100 -10.25 -1.17 -5.14
N GLY A 101 -10.18 -2.38 -5.70
CA GLY A 101 -8.99 -2.90 -6.35
C GLY A 101 -9.37 -3.74 -7.56
N THR A 102 -8.38 -4.38 -8.18
CA THR A 102 -8.61 -5.18 -9.39
C THR A 102 -8.59 -6.68 -9.11
N GLY A 103 -8.71 -7.08 -7.85
CA GLY A 103 -8.64 -8.47 -7.45
C GLY A 103 -9.59 -9.41 -8.16
N PRO A 104 -10.89 -9.15 -8.08
CA PRO A 104 -11.88 -10.01 -8.73
C PRO A 104 -11.62 -10.19 -10.22
N LEU A 105 -11.34 -9.10 -10.93
CA LEU A 105 -11.11 -9.18 -12.37
C LEU A 105 -9.88 -10.02 -12.69
N ASP A 106 -8.82 -9.81 -11.91
CA ASP A 106 -7.53 -10.42 -12.10
C ASP A 106 -7.57 -11.94 -11.96
N GLU A 107 -8.20 -12.44 -10.91
CA GLU A 107 -8.13 -13.87 -10.61
C GLU A 107 -9.25 -14.67 -11.29
N TRP A 108 -10.38 -14.02 -11.47
CA TRP A 108 -11.56 -14.69 -12.01
C TRP A 108 -11.79 -14.35 -13.47
N GLY A 109 -11.12 -13.30 -13.97
CA GLY A 109 -11.39 -12.90 -15.34
C GLY A 109 -10.16 -12.92 -16.23
N ILE A 110 -9.06 -12.34 -15.75
CA ILE A 110 -7.88 -12.20 -16.61
C ILE A 110 -6.96 -13.42 -16.56
N ALA A 111 -6.86 -14.09 -15.41
CA ALA A 111 -5.97 -15.25 -15.34
C ALA A 111 -6.47 -16.39 -16.20
N GLY A 112 -5.66 -16.81 -17.16
CA GLY A 112 -5.97 -17.92 -18.06
C GLY A 112 -6.75 -17.50 -19.28
N ALA A 113 -7.29 -16.29 -19.26
CA ALA A 113 -8.04 -15.74 -20.39
C ALA A 113 -7.28 -15.93 -21.69
N ARG A 114 -6.01 -15.56 -21.67
CA ARG A 114 -5.09 -15.74 -22.80
C ARG A 114 -5.21 -17.13 -23.41
N GLU A 115 -5.03 -18.16 -22.59
CA GLU A 115 -5.04 -19.52 -23.10
C GLU A 115 -6.45 -19.97 -23.49
N VAL A 116 -7.44 -19.60 -22.69
CA VAL A 116 -8.80 -20.08 -22.95
C VAL A 116 -9.32 -19.61 -24.30
N TYR A 117 -9.15 -18.33 -24.60
CA TYR A 117 -9.72 -17.72 -25.80
C TYR A 117 -8.98 -18.15 -27.06
N ARG A 118 -7.68 -18.42 -26.93
CA ARG A 118 -6.93 -18.93 -28.08
C ARG A 118 -7.29 -20.38 -28.36
N THR A 119 -7.40 -21.16 -27.29
CA THR A 119 -7.75 -22.56 -27.42
C THR A 119 -9.19 -22.76 -27.89
N LEU A 120 -10.06 -21.78 -27.65
CA LEU A 120 -11.46 -21.92 -28.03
C LEU A 120 -11.82 -21.09 -29.25
N ASN A 121 -10.82 -20.47 -29.85
CA ASN A 121 -10.97 -19.66 -31.06
C ASN A 121 -11.88 -18.46 -30.83
N LEU A 122 -11.60 -17.66 -29.80
CA LEU A 122 -12.44 -16.49 -29.56
C LEU A 122 -11.64 -15.21 -29.77
N PRO A 123 -12.02 -14.46 -30.81
CA PRO A 123 -11.33 -13.21 -31.14
C PRO A 123 -11.33 -12.23 -29.98
N THR A 124 -10.14 -11.76 -29.61
CA THR A 124 -9.97 -10.86 -28.48
C THR A 124 -10.54 -9.48 -28.76
N SER A 125 -10.52 -9.07 -30.02
CA SER A 125 -11.04 -7.77 -30.44
C SER A 125 -12.54 -7.68 -30.21
N ALA A 126 -13.21 -8.81 -30.29
CA ALA A 126 -14.65 -8.91 -30.04
C ALA A 126 -14.96 -8.57 -28.59
N TYR A 127 -14.10 -9.03 -27.70
CA TYR A 127 -14.18 -8.68 -26.28
C TYR A 127 -13.87 -7.20 -26.08
N ILE A 128 -12.74 -6.76 -26.63
CA ILE A 128 -12.29 -5.38 -26.49
C ILE A 128 -13.32 -4.39 -26.99
N ALA A 129 -13.98 -4.73 -28.09
CA ALA A 129 -14.95 -3.81 -28.69
C ALA A 129 -16.18 -3.67 -27.81
N ALA A 130 -16.51 -4.74 -27.09
CA ALA A 130 -17.69 -4.73 -26.22
C ALA A 130 -17.48 -3.79 -25.04
N PHE A 131 -16.26 -3.74 -24.53
CA PHE A 131 -15.95 -2.91 -23.36
C PHE A 131 -15.51 -1.51 -23.75
N ALA A 132 -15.06 -1.35 -24.99
CA ALA A 132 -14.72 -0.02 -25.48
C ALA A 132 -15.97 0.81 -25.72
N PHE A 133 -17.03 0.15 -26.20
CA PHE A 133 -18.31 0.80 -26.41
C PHE A 133 -18.94 1.14 -25.06
N THR A 134 -18.94 0.15 -24.19
CA THR A 134 -19.45 0.26 -22.83
C THR A 134 -18.82 1.41 -22.08
N ARG A 135 -17.50 1.55 -22.27
CA ARG A 135 -16.75 2.64 -21.65
C ARG A 135 -17.13 3.98 -22.26
N ASP A 136 -17.24 4.01 -23.59
CA ASP A 136 -17.57 5.24 -24.29
C ASP A 136 -19.06 5.54 -24.20
N ARG A 137 -19.85 4.52 -23.95
CA ARG A 137 -21.29 4.67 -23.77
C ARG A 137 -21.61 5.52 -22.55
N LEU A 138 -20.75 5.39 -21.54
CA LEU A 138 -20.96 6.13 -20.30
C LEU A 138 -21.06 7.62 -20.58
N CYS A 139 -22.08 8.23 -19.99
CA CYS A 139 -22.31 9.66 -20.15
C CYS A 139 -22.14 10.38 -18.81
N GLY A 140 -21.12 11.21 -18.74
CA GLY A 140 -20.63 11.98 -17.63
C GLY A 140 -21.65 12.30 -16.56
N PRO A 141 -22.60 13.17 -16.87
CA PRO A 141 -23.62 13.58 -15.90
C PRO A 141 -24.80 12.62 -15.84
N ARG A 142 -25.30 12.24 -17.00
CA ARG A 142 -26.50 11.44 -17.18
C ARG A 142 -26.47 10.16 -16.37
N ASP A 143 -25.47 9.32 -16.58
CA ASP A 143 -25.48 7.98 -16.02
C ASP A 143 -24.96 7.92 -14.58
N MET A 144 -23.89 8.64 -14.29
CA MET A 144 -23.31 8.64 -12.95
C MET A 144 -22.59 9.95 -12.66
N SER A 145 -22.16 10.15 -11.41
CA SER A 145 -21.34 11.33 -11.12
C SER A 145 -19.96 11.19 -11.76
N ALA A 146 -19.22 12.29 -11.84
CA ALA A 146 -17.96 12.33 -12.57
C ALA A 146 -16.95 11.30 -12.08
N GLN A 147 -16.71 11.27 -10.77
CA GLN A 147 -15.72 10.36 -10.19
C GLN A 147 -16.21 8.93 -10.19
N ALA A 148 -17.52 8.73 -10.32
CA ALA A 148 -18.06 7.38 -10.41
C ALA A 148 -17.84 6.83 -11.82
N GLY A 149 -17.85 7.72 -12.80
CA GLY A 149 -17.55 7.36 -14.18
C GLY A 149 -16.06 7.19 -14.39
N VAL A 150 -15.27 7.64 -13.42
CA VAL A 150 -13.82 7.51 -13.48
C VAL A 150 -13.40 6.09 -13.14
N GLU A 151 -13.89 5.60 -12.00
CA GLU A 151 -13.61 4.23 -11.57
C GLU A 151 -14.22 3.23 -12.54
N TYR A 152 -15.34 3.63 -13.12
CA TYR A 152 -16.06 2.87 -14.14
C TYR A 152 -15.20 2.70 -15.39
N SER A 153 -14.65 3.81 -15.86
CA SER A 153 -13.84 3.82 -17.08
C SER A 153 -12.44 3.26 -16.80
N THR A 154 -11.87 3.61 -15.65
CA THR A 154 -10.59 3.03 -15.25
C THR A 154 -10.68 1.50 -15.28
N ALA A 155 -11.73 0.99 -14.66
CA ALA A 155 -11.99 -0.44 -14.57
C ALA A 155 -12.11 -1.06 -15.97
N LEU A 156 -12.86 -0.41 -16.85
CA LEU A 156 -13.03 -0.92 -18.21
C LEU A 156 -11.75 -0.78 -19.02
N ASP A 157 -11.04 0.34 -18.82
CA ASP A 157 -9.75 0.50 -19.49
C ASP A 157 -8.79 -0.58 -19.02
N TYR A 158 -8.94 -0.98 -17.75
CA TYR A 158 -8.10 -2.03 -17.18
C TYR A 158 -8.30 -3.35 -17.93
N ILE A 159 -9.55 -3.73 -18.15
CA ILE A 159 -9.88 -4.97 -18.87
C ILE A 159 -9.38 -4.92 -20.30
N ILE A 160 -9.46 -3.74 -20.91
CA ILE A 160 -9.08 -3.53 -22.30
C ILE A 160 -7.58 -3.71 -22.51
N ASN A 161 -6.78 -3.14 -21.63
CA ASN A 161 -5.33 -3.30 -21.70
C ASN A 161 -4.91 -4.73 -21.41
N SER A 162 -5.75 -5.44 -20.65
CA SER A 162 -5.48 -6.84 -20.33
C SER A 162 -5.76 -7.74 -21.52
N LEU A 163 -6.54 -7.25 -22.48
CA LEU A 163 -6.90 -8.01 -23.66
C LEU A 163 -6.06 -7.63 -24.87
N SER A 164 -5.17 -6.66 -24.72
CA SER A 164 -4.42 -6.14 -25.83
C SER A 164 -2.88 -6.18 -25.48
N MET B 1 -5.43 -13.18 0.67
CA MET B 1 -6.22 -12.87 1.84
C MET B 1 -7.40 -11.96 1.49
N LEU B 2 -8.41 -11.93 2.34
CA LEU B 2 -9.55 -11.05 2.13
C LEU B 2 -9.68 -10.04 3.26
N ASP B 3 -10.50 -9.02 2.99
CA ASP B 3 -10.91 -8.05 3.99
C ASP B 3 -12.42 -7.92 3.99
N ALA B 4 -12.95 -6.88 4.63
CA ALA B 4 -14.38 -6.72 4.75
C ALA B 4 -15.12 -6.77 3.42
N PHE B 5 -14.55 -6.12 2.41
CA PHE B 5 -15.23 -5.87 1.15
C PHE B 5 -15.19 -7.05 0.18
N SER B 6 -14.05 -7.71 0.11
CA SER B 6 -13.84 -8.83 -0.80
C SER B 6 -14.46 -10.12 -0.23
N ARG B 7 -14.82 -10.09 1.04
CA ARG B 7 -15.51 -11.24 1.65
C ARG B 7 -16.96 -11.30 1.18
N VAL B 8 -17.50 -10.13 0.85
CA VAL B 8 -18.86 -9.97 0.35
C VAL B 8 -18.93 -10.41 -1.10
N ILE B 9 -17.92 -10.01 -1.87
CA ILE B 9 -17.76 -10.40 -3.26
C ILE B 9 -17.69 -11.92 -3.41
N SER B 10 -17.00 -12.56 -2.47
CA SER B 10 -16.83 -14.01 -2.51
C SER B 10 -18.17 -14.72 -2.34
N ASN B 11 -18.96 -14.24 -1.39
CA ASN B 11 -20.25 -14.84 -1.10
C ASN B 11 -21.27 -14.53 -2.19
N ALA B 12 -21.14 -13.34 -2.80
CA ALA B 12 -22.02 -12.96 -3.89
C ALA B 12 -21.62 -13.66 -5.19
N ASP B 13 -20.34 -13.97 -5.35
CA ASP B 13 -19.91 -14.71 -6.54
C ASP B 13 -20.53 -16.11 -6.55
N ALA B 14 -20.63 -16.72 -5.38
CA ALA B 14 -21.18 -18.06 -5.23
C ALA B 14 -22.61 -18.12 -5.74
N LYS B 15 -23.27 -16.97 -5.77
CA LYS B 15 -24.62 -16.85 -6.31
C LYS B 15 -24.59 -16.22 -7.70
N ALA B 16 -23.42 -15.80 -8.16
CA ALA B 16 -23.32 -15.09 -9.43
C ALA B 16 -24.21 -13.84 -9.41
N ALA B 17 -24.12 -13.08 -8.32
CA ALA B 17 -24.90 -11.88 -8.12
C ALA B 17 -24.04 -10.65 -7.88
N TYR B 18 -24.25 -9.61 -8.67
CA TYR B 18 -23.65 -8.32 -8.41
C TYR B 18 -23.87 -7.93 -6.96
N VAL B 19 -23.09 -6.98 -6.45
CA VAL B 19 -23.34 -6.49 -5.08
C VAL B 19 -24.20 -5.24 -5.14
N GLY B 20 -25.31 -5.25 -4.40
CA GLY B 20 -26.23 -4.14 -4.37
C GLY B 20 -26.38 -3.53 -3.00
N GLY B 21 -27.49 -2.84 -2.76
CA GLY B 21 -27.80 -2.12 -1.55
C GLY B 21 -27.60 -2.90 -0.27
N SER B 22 -28.37 -3.98 -0.09
CA SER B 22 -28.39 -4.81 1.09
C SER B 22 -26.98 -5.09 1.60
N ASP B 23 -26.11 -5.55 0.71
CA ASP B 23 -24.73 -5.85 1.03
C ASP B 23 -23.87 -4.59 1.02
N LEU B 24 -24.30 -3.61 0.23
CA LEU B 24 -23.59 -2.34 0.15
C LEU B 24 -23.73 -1.55 1.45
N GLN B 25 -24.87 -1.71 2.10
CA GLN B 25 -25.17 -1.01 3.34
C GLN B 25 -24.08 -1.21 4.38
N ALA B 26 -23.82 -2.46 4.72
CA ALA B 26 -22.84 -2.84 5.72
C ALA B 26 -21.45 -2.33 5.37
N LEU B 27 -21.11 -2.33 4.09
CA LEU B 27 -19.79 -1.89 3.65
C LEU B 27 -19.70 -0.37 3.72
N ARG B 28 -20.87 0.27 3.66
CA ARG B 28 -20.92 1.73 3.74
C ARG B 28 -20.67 2.21 5.16
N THR B 29 -21.15 1.44 6.14
CA THR B 29 -20.88 1.75 7.54
C THR B 29 -19.41 1.52 7.86
N PHE B 30 -18.84 0.51 7.21
CA PHE B 30 -17.40 0.23 7.34
C PHE B 30 -16.61 1.48 7.05
N ILE B 31 -16.96 2.14 5.95
CA ILE B 31 -16.39 3.42 5.56
C ILE B 31 -16.73 4.49 6.59
N SER B 32 -18.02 4.65 6.86
CA SER B 32 -18.56 5.58 7.83
C SER B 32 -17.78 5.58 9.13
N ASP B 33 -17.70 4.42 9.76
CA ASP B 33 -17.08 4.25 11.05
C ASP B 33 -15.59 3.93 10.93
N GLY B 34 -15.09 3.93 9.70
CA GLY B 34 -13.74 3.58 9.35
C GLY B 34 -12.66 4.30 10.11
N ASN B 35 -12.95 5.48 10.67
CA ASN B 35 -11.89 6.22 11.36
C ASN B 35 -11.73 5.71 12.79
N LYS B 36 -12.81 5.17 13.36
CA LYS B 36 -12.72 4.52 14.66
C LYS B 36 -11.91 3.24 14.57
N ARG B 37 -12.08 2.55 13.45
CA ARG B 37 -11.35 1.33 13.12
C ARG B 37 -9.84 1.58 13.05
N LEU B 38 -9.46 2.65 12.34
CA LEU B 38 -8.05 3.00 12.26
C LEU B 38 -7.49 3.29 13.64
N ASP B 39 -8.30 3.92 14.50
CA ASP B 39 -7.87 4.26 15.83
C ASP B 39 -7.68 3.00 16.67
N ALA B 40 -8.70 2.14 16.68
CA ALA B 40 -8.64 0.90 17.44
C ALA B 40 -7.38 0.12 17.13
N VAL B 41 -7.10 -0.06 15.84
CA VAL B 41 -5.93 -0.78 15.37
C VAL B 41 -4.64 -0.16 15.92
N ASN B 42 -4.61 1.17 15.99
CA ASN B 42 -3.46 1.89 16.49
C ASN B 42 -3.26 1.65 17.99
N TYR B 43 -4.35 1.53 18.72
CA TYR B 43 -4.28 1.27 20.16
C TYR B 43 -3.57 -0.04 20.45
N ILE B 44 -3.64 -0.97 19.51
CA ILE B 44 -2.94 -2.24 19.64
C ILE B 44 -1.46 -2.10 19.30
N VAL B 45 -1.19 -1.62 18.10
CA VAL B 45 0.19 -1.43 17.64
C VAL B 45 0.93 -0.39 18.47
N SER B 46 0.20 0.38 19.28
CA SER B 46 0.77 1.46 20.07
C SER B 46 1.30 0.95 21.40
N ASN B 47 0.74 -0.16 21.87
CA ASN B 47 1.12 -0.75 23.14
C ASN B 47 1.38 -2.25 23.00
N SER B 48 1.78 -2.67 21.80
CA SER B 48 1.94 -4.09 21.51
C SER B 48 3.08 -4.70 22.32
N SER B 49 4.06 -3.88 22.67
CA SER B 49 5.15 -4.39 23.53
C SER B 49 4.62 -4.74 24.92
N CYS B 50 3.83 -3.84 25.49
CA CYS B 50 3.27 -4.04 26.82
C CYS B 50 2.22 -5.14 26.83
N ILE B 51 1.41 -5.24 25.79
CA ILE B 51 0.34 -6.24 25.73
C ILE B 51 0.89 -7.66 25.71
N VAL B 52 2.00 -7.89 25.02
CA VAL B 52 2.58 -9.23 24.95
C VAL B 52 3.35 -9.56 26.22
N SER B 53 4.22 -8.65 26.65
CA SER B 53 5.03 -8.89 27.83
C SER B 53 4.17 -9.10 29.07
N ASP B 54 3.13 -8.29 29.24
CA ASP B 54 2.24 -8.42 30.38
C ASP B 54 1.48 -9.74 30.35
N ALA B 55 1.13 -10.21 29.15
CA ALA B 55 0.37 -11.44 29.01
C ALA B 55 1.24 -12.68 29.15
N ILE B 56 2.43 -12.65 28.55
CA ILE B 56 3.34 -13.79 28.69
C ILE B 56 3.79 -13.93 30.14
N SER B 57 3.98 -12.77 30.78
CA SER B 57 4.35 -12.67 32.18
C SER B 57 3.23 -13.15 33.10
N GLY B 58 2.00 -12.78 32.77
CA GLY B 58 0.84 -13.20 33.53
C GLY B 58 0.66 -14.71 33.52
N MET B 59 0.74 -15.29 32.34
CA MET B 59 0.60 -16.74 32.13
C MET B 59 1.60 -17.53 32.94
N ILE B 60 2.70 -16.88 33.32
CA ILE B 60 3.74 -17.51 34.10
C ILE B 60 3.52 -17.28 35.59
N CYS B 61 3.12 -16.07 35.98
CA CYS B 61 2.94 -15.79 37.40
C CYS B 61 1.81 -16.66 37.96
N GLU B 62 0.88 -17.04 37.11
CA GLU B 62 -0.23 -17.92 37.47
C GLU B 62 0.18 -19.38 37.37
N ASN B 63 1.24 -19.63 36.60
CA ASN B 63 1.78 -20.96 36.42
C ASN B 63 3.32 -20.91 36.42
N PRO B 64 3.88 -20.89 37.62
CA PRO B 64 5.33 -20.80 37.77
C PRO B 64 6.02 -22.01 37.15
N GLY B 65 5.28 -23.10 37.00
CA GLY B 65 5.79 -24.33 36.44
C GLY B 65 6.28 -24.19 35.02
N LEU B 66 5.92 -23.09 34.38
CA LEU B 66 6.29 -22.79 33.00
C LEU B 66 7.74 -22.38 32.88
N ILE B 67 8.26 -21.73 33.92
CA ILE B 67 9.65 -21.26 33.90
C ILE B 67 10.54 -22.17 34.74
N THR B 68 10.01 -23.36 35.01
CA THR B 68 10.67 -24.39 35.79
C THR B 68 11.31 -25.43 34.89
N PRO B 69 12.42 -26.02 35.32
CA PRO B 69 13.04 -27.13 34.58
C PRO B 69 12.02 -28.21 34.22
N GLY B 70 11.54 -28.16 32.98
CA GLY B 70 10.51 -29.06 32.48
C GLY B 70 9.37 -28.28 31.84
N GLY B 71 9.33 -26.99 32.15
CA GLY B 71 8.34 -26.08 31.62
C GLY B 71 8.74 -25.55 30.25
N CYS B 73 8.59 -22.67 29.10
CA CYS B 73 9.13 -21.31 29.11
C CYS B 73 10.46 -21.25 29.86
N TYR B 74 11.02 -22.41 30.18
CA TYR B 74 12.31 -22.53 30.82
C TYR B 74 13.45 -22.38 29.80
N THR B 75 14.40 -21.53 30.13
CA THR B 75 15.54 -21.04 29.39
C THR B 75 15.16 -19.76 28.63
N ASN B 76 16.15 -18.91 28.41
CA ASN B 76 15.93 -17.65 27.71
C ASN B 76 15.39 -17.88 26.31
N ARG B 77 15.86 -18.95 25.68
CA ARG B 77 15.55 -19.36 24.33
C ARG B 77 14.10 -19.80 24.18
N ARG B 78 13.50 -20.35 25.22
CA ARG B 78 12.08 -20.69 25.19
C ARG B 78 11.23 -19.48 25.57
N MET B 79 11.74 -18.66 26.48
CA MET B 79 10.99 -17.47 26.89
C MET B 79 10.89 -16.49 25.72
N ALA B 80 12.03 -16.30 25.05
CA ALA B 80 12.11 -15.38 23.92
C ALA B 80 11.25 -15.87 22.75
N ALA B 81 11.14 -17.19 22.61
CA ALA B 81 10.35 -17.77 21.53
C ALA B 81 8.86 -17.62 21.81
N CYS B 82 8.51 -17.70 23.08
CA CYS B 82 7.14 -17.53 23.53
C CYS B 82 6.71 -16.07 23.44
N LEU B 83 7.62 -15.17 23.79
CA LEU B 83 7.34 -13.74 23.65
C LEU B 83 7.14 -13.37 22.18
N ARG B 84 7.95 -13.98 21.33
CA ARG B 84 7.91 -13.82 19.89
C ARG B 84 6.62 -14.36 19.29
N ASP B 85 6.13 -15.47 19.82
CA ASP B 85 4.90 -16.08 19.36
C ASP B 85 3.69 -15.25 19.77
N GLY B 86 3.80 -14.62 20.93
CA GLY B 86 2.79 -13.72 21.47
C GLY B 86 2.70 -12.43 20.67
N GLU B 87 3.84 -12.03 20.12
CA GLU B 87 3.94 -10.82 19.30
C GLU B 87 3.39 -11.03 17.90
N ILE B 88 3.65 -12.20 17.34
CA ILE B 88 3.16 -12.57 16.02
C ILE B 88 1.65 -12.79 16.04
N ILE B 89 1.16 -13.40 17.11
CA ILE B 89 -0.28 -13.64 17.22
C ILE B 89 -1.05 -12.33 17.27
N LEU B 90 -0.56 -11.40 18.08
CA LEU B 90 -1.23 -10.12 18.26
C LEU B 90 -1.13 -9.26 17.01
N ARG B 91 -0.11 -9.49 16.19
CA ARG B 91 0.06 -8.80 14.92
C ARG B 91 -0.94 -9.29 13.88
N TYR B 92 -1.21 -10.60 13.88
CA TYR B 92 -2.19 -11.14 12.95
C TYR B 92 -3.60 -10.79 13.39
N ILE B 93 -3.76 -10.56 14.68
CA ILE B 93 -5.02 -10.04 15.22
C ILE B 93 -5.24 -8.61 14.74
N SER B 94 -4.17 -7.83 14.76
CA SER B 94 -4.20 -6.43 14.34
C SER B 94 -4.42 -6.30 12.84
N TYR B 95 -3.92 -7.27 12.08
CA TYR B 95 -4.14 -7.31 10.64
C TYR B 95 -5.63 -7.50 10.33
N ALA B 96 -6.21 -8.46 11.02
CA ALA B 96 -7.61 -8.85 10.84
C ALA B 96 -8.55 -7.72 11.25
N LEU B 97 -8.08 -6.90 12.19
CA LEU B 97 -8.86 -5.76 12.67
C LEU B 97 -8.86 -4.64 11.63
N LEU B 98 -7.74 -4.49 10.93
CA LEU B 98 -7.57 -3.47 9.91
C LEU B 98 -8.34 -3.79 8.64
N ALA B 99 -8.46 -5.08 8.32
CA ALA B 99 -9.12 -5.54 7.11
C ALA B 99 -10.60 -5.87 7.35
N GLY B 100 -10.96 -6.09 8.61
CA GLY B 100 -12.34 -6.45 8.91
C GLY B 100 -12.62 -7.89 8.50
N ASP B 101 -11.58 -8.71 8.51
CA ASP B 101 -11.71 -10.13 8.20
C ASP B 101 -10.64 -10.96 8.91
N SER B 102 -10.98 -12.20 9.21
CA SER B 102 -10.10 -13.16 9.86
C SER B 102 -9.34 -14.02 8.86
N SER B 103 -9.63 -13.82 7.58
CA SER B 103 -8.99 -14.58 6.52
C SER B 103 -7.48 -14.57 6.65
N VAL B 104 -6.91 -13.46 7.09
CA VAL B 104 -5.45 -13.33 7.17
C VAL B 104 -4.87 -13.93 8.44
N LEU B 105 -5.62 -13.92 9.54
CA LEU B 105 -5.09 -14.44 10.81
C LEU B 105 -5.12 -15.97 10.82
N GLU B 106 -6.10 -16.55 10.15
CA GLU B 106 -6.25 -18.00 10.14
C GLU B 106 -5.55 -18.65 8.96
N ASP B 107 -5.34 -17.86 7.91
CA ASP B 107 -4.62 -18.32 6.73
C ASP B 107 -3.11 -18.33 6.98
N ARG B 108 -2.63 -17.32 7.70
CA ARG B 108 -1.21 -17.09 7.87
C ARG B 108 -0.76 -17.30 9.31
N CYS B 109 -1.70 -17.46 10.24
CA CYS B 109 -1.25 -17.70 11.62
C CYS B 109 -1.78 -19.03 12.16
N LEU B 110 -3.09 -19.11 12.30
CA LEU B 110 -3.73 -20.25 12.97
C LEU B 110 -3.72 -21.51 12.12
N ASN B 111 -3.30 -21.37 10.86
CA ASN B 111 -3.28 -22.54 9.97
C ASN B 111 -2.06 -23.42 10.27
N GLY B 112 -2.25 -24.39 11.14
CA GLY B 112 -1.19 -25.33 11.50
C GLY B 112 -0.47 -24.96 12.78
N LEU B 113 -1.04 -24.05 13.57
CA LEU B 113 -0.45 -23.63 14.84
C LEU B 113 -0.55 -24.74 15.88
N LYS B 114 -1.78 -25.18 16.15
CA LYS B 114 -2.05 -26.22 17.13
C LYS B 114 -1.17 -27.44 16.92
N GLU B 115 -1.23 -28.00 15.72
CA GLU B 115 -0.46 -29.19 15.34
C GLU B 115 1.04 -28.94 15.52
N THR B 116 1.47 -27.72 15.23
CA THR B 116 2.86 -27.32 15.39
C THR B 116 3.24 -27.30 16.87
N TYR B 117 2.32 -26.82 17.69
CA TYR B 117 2.50 -26.76 19.13
C TYR B 117 2.51 -28.16 19.73
N ILE B 118 1.68 -29.04 19.19
CA ILE B 118 1.66 -30.44 19.61
C ILE B 118 3.01 -31.09 19.40
N ALA B 119 3.58 -30.87 18.21
CA ALA B 119 4.90 -31.38 17.85
C ALA B 119 6.00 -30.77 18.72
N LEU B 120 5.99 -29.45 18.89
CA LEU B 120 7.03 -28.79 19.66
C LEU B 120 6.89 -29.06 21.16
N GLY B 121 5.67 -29.40 21.57
CA GLY B 121 5.40 -29.68 22.97
C GLY B 121 4.98 -28.43 23.72
N VAL B 122 4.65 -27.39 22.96
CA VAL B 122 4.17 -26.14 23.53
C VAL B 122 2.80 -26.34 24.17
N PRO B 123 2.68 -25.96 25.44
CA PRO B 123 1.39 -26.12 26.12
C PRO B 123 0.34 -25.21 25.48
N THR B 124 -0.65 -25.84 24.84
CA THR B 124 -1.70 -25.07 24.17
C THR B 124 -2.63 -24.43 25.18
N ASN B 125 -2.92 -25.16 26.26
CA ASN B 125 -3.79 -24.67 27.32
C ASN B 125 -3.24 -23.38 27.92
N SER B 126 -1.92 -23.34 28.11
CA SER B 126 -1.31 -22.15 28.67
C SER B 126 -1.33 -21.00 27.66
N THR B 127 -1.01 -21.32 26.41
CA THR B 127 -1.03 -20.34 25.33
C THR B 127 -2.37 -19.61 25.28
N VAL B 128 -3.44 -20.37 25.45
CA VAL B 128 -4.80 -19.85 25.47
C VAL B 128 -4.99 -18.83 26.59
N ARG B 129 -4.15 -18.92 27.62
CA ARG B 129 -4.18 -17.96 28.71
C ARG B 129 -3.53 -16.64 28.30
N ALA B 130 -2.31 -16.72 27.75
CA ALA B 130 -1.67 -15.52 27.23
C ALA B 130 -2.58 -14.81 26.25
N VAL B 131 -3.25 -15.61 25.41
CA VAL B 131 -4.18 -15.08 24.43
C VAL B 131 -5.37 -14.40 25.12
N SER B 132 -5.77 -14.95 26.25
CA SER B 132 -6.89 -14.43 27.01
C SER B 132 -6.55 -13.10 27.68
N ILE B 133 -5.30 -12.98 28.14
CA ILE B 133 -4.92 -11.73 28.82
C ILE B 133 -4.73 -10.63 27.77
N MET B 134 -4.15 -11.00 26.64
CA MET B 134 -3.98 -10.12 25.50
C MET B 134 -5.32 -9.56 25.03
N LYS B 135 -6.36 -10.40 25.18
CA LYS B 135 -7.70 -10.00 24.79
C LYS B 135 -8.19 -8.86 25.69
N ALA B 136 -7.92 -9.01 26.98
CA ALA B 136 -8.29 -8.03 27.99
C ALA B 136 -7.52 -6.72 27.80
N ALA B 137 -6.20 -6.81 27.68
CA ALA B 137 -5.42 -5.59 27.43
C ALA B 137 -5.89 -4.92 26.15
N VAL B 138 -5.92 -5.68 25.07
CA VAL B 138 -6.39 -5.16 23.79
C VAL B 138 -7.75 -4.50 23.93
N GLY B 139 -8.70 -5.25 24.50
CA GLY B 139 -10.01 -4.69 24.78
C GLY B 139 -9.92 -3.36 25.51
N ALA B 140 -8.97 -3.24 26.44
CA ALA B 140 -8.82 -2.04 27.25
C ALA B 140 -8.19 -0.90 26.46
N PHE B 141 -7.17 -1.21 25.67
CA PHE B 141 -6.49 -0.17 24.89
C PHE B 141 -7.37 0.32 23.74
N ILE B 142 -8.34 -0.49 23.34
CA ILE B 142 -9.22 -0.07 22.23
C ILE B 142 -10.28 0.91 22.72
N SER B 143 -10.95 0.56 23.81
CA SER B 143 -11.99 1.40 24.39
C SER B 143 -11.41 2.62 25.08
N ASN B 144 -10.09 2.69 25.15
CA ASN B 144 -9.39 3.81 25.76
C ASN B 144 -9.52 3.77 27.28
N THR B 145 -9.93 2.62 27.82
CA THR B 145 -10.08 2.48 29.27
C THR B 145 -8.85 1.85 29.92
N ALA B 146 -7.73 1.95 29.20
CA ALA B 146 -6.47 1.41 29.71
C ALA B 146 -6.13 2.03 31.05
N SER B 147 -5.89 1.17 32.05
CA SER B 147 -5.55 1.64 33.38
C SER B 147 -4.37 2.59 33.36
N GLN B 148 -3.37 2.28 32.52
CA GLN B 148 -2.16 3.09 32.50
C GLN B 148 -2.07 3.96 31.26
N ARG B 149 -2.55 3.46 30.12
CA ARG B 149 -2.51 4.27 28.90
C ARG B 149 -3.80 5.07 28.73
N LYS B 150 -3.65 6.38 28.66
CA LYS B 150 -4.78 7.30 28.53
C LYS B 150 -4.52 8.34 27.45
N GLY B 151 -5.14 8.15 26.29
CA GLY B 151 -4.99 9.06 25.16
C GLY B 151 -6.19 9.97 25.01
N GLU B 152 -6.12 10.93 24.10
CA GLU B 152 -7.22 11.85 23.88
C GLU B 152 -7.78 11.77 22.46
N VAL B 153 -8.49 10.69 22.18
CA VAL B 153 -9.22 10.52 20.93
C VAL B 153 -10.70 10.88 21.14
N ILE B 154 -11.34 11.47 20.15
CA ILE B 154 -12.71 11.94 20.34
C ILE B 154 -13.66 10.78 20.65
N GLU B 155 -14.39 10.97 21.74
CA GLU B 155 -15.29 10.02 22.36
C GLU B 155 -16.40 9.57 21.41
N GLY B 156 -16.76 8.28 21.53
CA GLY B 156 -17.79 7.67 20.73
C GLY B 156 -18.06 6.23 21.13
N ASP B 157 -18.69 5.45 20.25
CA ASP B 157 -19.00 4.06 20.49
C ASP B 157 -18.08 3.13 19.70
N CYS B 158 -17.31 2.31 20.41
CA CYS B 158 -16.42 1.34 19.80
C CYS B 158 -16.64 -0.05 20.39
N SER B 159 -17.91 -0.40 20.60
CA SER B 159 -18.24 -1.70 21.15
C SER B 159 -18.31 -2.77 20.07
N ALA B 160 -18.73 -2.38 18.87
CA ALA B 160 -18.81 -3.29 17.75
C ALA B 160 -17.44 -3.76 17.29
N LEU B 161 -16.47 -2.86 17.42
CA LEU B 161 -15.08 -3.12 17.08
C LEU B 161 -14.42 -3.97 18.17
N ALA B 162 -14.72 -3.62 19.42
CA ALA B 162 -14.23 -4.35 20.57
C ALA B 162 -14.79 -5.78 20.59
N ALA B 163 -16.08 -5.91 20.36
CA ALA B 163 -16.69 -7.23 20.21
C ALA B 163 -16.13 -7.95 18.99
N GLU B 164 -15.65 -7.18 18.03
CA GLU B 164 -15.08 -7.72 16.81
C GLU B 164 -13.64 -8.21 17.04
N ILE B 165 -12.84 -7.42 17.77
CA ILE B 165 -11.48 -7.85 18.04
C ILE B 165 -11.47 -9.02 19.00
N ALA B 166 -12.39 -9.00 19.97
CA ALA B 166 -12.52 -10.10 20.92
C ALA B 166 -12.76 -11.42 20.18
N SER B 167 -13.57 -11.34 19.13
CA SER B 167 -13.93 -12.53 18.36
C SER B 167 -12.71 -13.14 17.69
N TYR B 168 -11.80 -12.30 17.23
CA TYR B 168 -10.56 -12.74 16.61
C TYR B 168 -9.65 -13.42 17.63
N CYS B 169 -9.59 -12.85 18.83
CA CYS B 169 -8.84 -13.43 19.93
C CYS B 169 -9.40 -14.82 20.29
N ASP B 170 -10.71 -14.94 20.13
CA ASP B 170 -11.43 -16.16 20.42
C ASP B 170 -11.17 -17.24 19.38
N ARG B 171 -10.93 -16.81 18.13
CA ARG B 171 -10.71 -17.82 17.08
C ARG B 171 -9.31 -18.42 17.20
N ILE B 172 -8.43 -17.68 17.86
CA ILE B 172 -7.08 -18.13 18.19
C ILE B 172 -7.14 -19.21 19.27
N SER B 173 -7.77 -18.87 20.38
CA SER B 173 -7.99 -19.75 21.50
C SER B 173 -8.75 -21.01 21.09
N ALA B 174 -9.74 -20.84 20.22
CA ALA B 174 -10.50 -21.98 19.73
C ALA B 174 -9.68 -22.81 18.75
N ALA B 175 -8.70 -22.18 18.12
CA ALA B 175 -7.91 -22.82 17.08
C ALA B 175 -6.81 -23.72 17.65
N VAL B 176 -6.19 -23.27 18.74
CA VAL B 176 -5.12 -24.04 19.35
C VAL B 176 -5.65 -24.86 20.54
N SER B 177 -6.96 -25.07 20.53
CA SER B 177 -7.70 -25.78 21.53
C SER B 177 -8.47 -26.98 20.86
N MET C 1 12.92 4.96 1.65
CA MET C 1 12.02 5.46 2.68
C MET C 1 10.61 4.87 2.50
N LYS C 2 10.14 4.17 3.53
CA LYS C 2 8.83 3.54 3.49
C LYS C 2 7.70 4.55 3.66
N SER C 3 6.84 4.60 2.64
CA SER C 3 5.69 5.50 2.66
C SER C 3 4.49 4.85 1.97
N VAL C 4 3.46 5.65 1.71
CA VAL C 4 2.27 5.18 1.00
C VAL C 4 2.59 4.84 -0.45
N ILE C 5 3.41 5.68 -1.05
CA ILE C 5 3.79 5.55 -2.45
C ILE C 5 4.79 4.43 -2.68
N THR C 6 5.86 4.46 -1.90
CA THR C 6 6.95 3.50 -1.91
C THR C 6 6.47 2.08 -1.64
N THR C 7 5.45 1.95 -0.80
CA THR C 7 4.90 0.63 -0.49
C THR C 7 4.06 0.09 -1.64
N VAL C 8 3.21 0.97 -2.15
CA VAL C 8 2.29 0.68 -3.24
C VAL C 8 3.02 0.44 -4.55
N ILE C 9 4.10 1.19 -4.78
CA ILE C 9 4.88 1.06 -6.00
C ILE C 9 5.77 -0.19 -5.96
N SER C 10 6.24 -0.51 -4.75
CA SER C 10 7.07 -1.69 -4.57
C SER C 10 6.25 -2.96 -4.69
N ALA C 11 5.00 -2.91 -4.24
CA ALA C 11 4.08 -4.03 -4.37
C ALA C 11 3.77 -4.32 -5.83
N ALA C 12 3.70 -3.25 -6.63
CA ALA C 12 3.38 -3.37 -8.04
C ALA C 12 4.60 -3.79 -8.86
N ASP C 13 5.76 -3.28 -8.49
CA ASP C 13 7.00 -3.62 -9.18
C ASP C 13 7.32 -5.10 -9.01
N SER C 14 6.99 -5.64 -7.84
CA SER C 14 7.19 -7.05 -7.53
C SER C 14 6.28 -7.94 -8.36
N ALA C 15 5.16 -7.38 -8.79
CA ALA C 15 4.15 -8.11 -9.55
C ALA C 15 4.15 -7.69 -11.03
N GLY C 16 5.08 -6.83 -11.39
CA GLY C 16 5.25 -6.32 -12.73
C GLY C 16 4.06 -5.58 -13.28
N ARG C 17 3.27 -4.92 -12.44
CA ARG C 17 2.04 -4.29 -12.91
C ARG C 17 2.12 -2.78 -12.86
N PHE C 18 1.47 -2.13 -13.81
CA PHE C 18 1.29 -0.68 -13.78
C PHE C 18 0.51 -0.30 -12.51
N PRO C 19 0.72 0.89 -11.99
CA PRO C 19 -0.15 1.43 -10.94
C PRO C 19 -1.61 1.20 -11.29
N SER C 20 -2.44 0.85 -10.31
CA SER C 20 -3.86 0.65 -10.58
C SER C 20 -4.71 1.45 -9.59
N SER C 21 -5.92 0.99 -9.32
CA SER C 21 -6.90 1.75 -8.55
C SER C 21 -6.48 1.85 -7.09
N SER C 22 -6.18 0.74 -6.43
CA SER C 22 -5.84 0.77 -5.01
C SER C 22 -4.55 1.55 -4.76
N ASP C 23 -3.77 1.70 -5.83
CA ASP C 23 -2.52 2.46 -5.78
C ASP C 23 -2.77 3.96 -5.75
N LEU C 24 -3.68 4.40 -6.62
CA LEU C 24 -4.09 5.80 -6.68
C LEU C 24 -4.95 6.16 -5.48
N GLU C 25 -5.75 5.21 -5.04
CA GLU C 25 -6.62 5.37 -3.87
C GLU C 25 -5.80 5.44 -2.58
N SER C 26 -4.71 4.67 -2.54
CA SER C 26 -3.82 4.68 -1.38
C SER C 26 -3.21 6.06 -1.18
N VAL C 27 -2.92 6.73 -2.30
CA VAL C 27 -2.28 8.05 -2.23
C VAL C 27 -3.32 9.12 -1.91
N GLN C 28 -4.59 8.82 -2.18
CA GLN C 28 -5.66 9.72 -1.78
C GLN C 28 -5.73 9.82 -0.27
N GLY C 29 -5.20 8.80 0.40
CA GLY C 29 -5.04 8.81 1.85
C GLY C 29 -3.94 9.79 2.24
N ASN C 30 -2.97 9.94 1.35
CA ASN C 30 -1.89 10.90 1.48
C ASN C 30 -2.42 12.33 1.53
N ILE C 31 -3.19 12.66 0.51
CA ILE C 31 -3.75 13.98 0.28
C ILE C 31 -4.69 14.42 1.40
N GLN C 32 -5.13 13.45 2.20
CA GLN C 32 -6.08 13.69 3.28
C GLN C 32 -5.38 13.89 4.61
N ARG C 33 -4.31 13.14 4.84
CA ARG C 33 -3.65 13.06 6.13
C ARG C 33 -2.42 13.93 6.19
N ALA C 34 -1.93 14.42 5.06
CA ALA C 34 -0.71 15.21 5.02
C ALA C 34 -0.76 16.39 5.98
N SER C 35 -1.88 17.11 5.93
CA SER C 35 -2.14 18.25 6.79
C SER C 35 -1.75 17.98 8.23
N ALA C 36 -2.41 16.97 8.82
CA ALA C 36 -2.16 16.62 10.21
C ALA C 36 -0.69 16.42 10.50
N ARG C 37 -0.09 15.41 9.87
CA ARG C 37 1.31 15.11 10.18
C ARG C 37 2.21 16.26 9.76
N LEU C 38 1.82 17.01 8.74
CA LEU C 38 2.66 18.11 8.28
C LEU C 38 2.66 19.26 9.29
N GLU C 39 1.56 19.39 10.02
CA GLU C 39 1.46 20.36 11.11
C GLU C 39 2.50 20.05 12.19
N ALA C 40 2.42 18.84 12.74
CA ALA C 40 3.36 18.36 13.74
C ALA C 40 4.80 18.48 13.27
N ALA C 41 5.04 18.33 11.99
CA ALA C 41 6.41 18.44 11.46
C ALA C 41 6.96 19.85 11.70
N GLU C 42 6.21 20.87 11.30
CA GLU C 42 6.63 22.26 11.48
C GLU C 42 6.69 22.65 12.96
N LYS C 43 5.89 21.98 13.79
CA LYS C 43 5.89 22.26 15.23
C LYS C 43 7.20 21.84 15.87
N LEU C 44 7.75 20.73 15.37
CA LEU C 44 9.04 20.22 15.84
C LEU C 44 10.18 21.13 15.38
N ALA C 45 10.23 21.34 14.06
CA ALA C 45 11.22 22.18 13.42
C ALA C 45 11.27 23.57 14.05
N SER C 46 10.09 24.07 14.42
CA SER C 46 10.00 25.41 14.98
C SER C 46 10.42 25.45 16.44
N ASN C 47 10.33 24.33 17.15
CA ASN C 47 10.56 24.37 18.60
C ASN C 47 11.15 23.07 19.15
N HIS C 48 12.02 22.41 18.40
CA HIS C 48 12.56 21.11 18.82
C HIS C 48 13.63 21.24 19.89
N GLU C 49 14.22 22.42 20.05
CA GLU C 49 15.30 22.57 21.03
C GLU C 49 14.74 22.67 22.45
N ALA C 50 13.51 23.11 22.57
CA ALA C 50 12.82 23.12 23.87
C ALA C 50 12.25 21.74 24.17
N VAL C 51 11.97 20.98 23.13
CA VAL C 51 11.44 19.63 23.27
C VAL C 51 12.53 18.64 23.69
N VAL C 52 13.76 18.88 23.23
CA VAL C 52 14.87 17.98 23.53
C VAL C 52 15.45 18.23 24.91
N LYS C 53 15.47 19.49 25.33
CA LYS C 53 15.95 19.85 26.66
C LYS C 53 15.01 19.29 27.72
N GLU C 54 13.71 19.44 27.46
CA GLU C 54 12.66 18.91 28.32
C GLU C 54 12.76 17.38 28.41
N ALA C 55 12.91 16.75 27.25
CA ALA C 55 13.08 15.31 27.18
C ALA C 55 14.40 14.89 27.81
N GLY C 56 15.47 15.60 27.46
CA GLY C 56 16.77 15.30 28.04
C GLY C 56 16.77 15.49 29.54
N ASP C 57 16.06 16.50 30.01
CA ASP C 57 15.94 16.80 31.43
C ASP C 57 15.27 15.68 32.21
N ALA C 58 14.04 15.36 31.83
CA ALA C 58 13.28 14.29 32.48
C ALA C 58 14.11 13.02 32.60
N CYS C 59 14.83 12.67 31.54
CA CYS C 59 15.67 11.49 31.50
C CYS C 59 16.65 11.44 32.67
N PHE C 60 17.43 12.50 32.82
CA PHE C 60 18.46 12.52 33.87
C PHE C 60 17.86 12.82 35.23
N GLY C 61 16.62 13.31 35.23
CA GLY C 61 15.88 13.46 36.49
C GLY C 61 15.41 12.11 36.99
N LYS C 62 15.07 11.23 36.06
CA LYS C 62 14.60 9.89 36.43
C LYS C 62 15.78 8.97 36.74
N TYR C 63 16.85 9.09 35.97
CA TYR C 63 18.03 8.26 36.18
C TYR C 63 19.26 9.08 36.54
N GLY C 64 19.28 9.61 37.76
CA GLY C 64 20.36 10.44 38.23
C GLY C 64 21.67 9.68 38.33
N TYR C 65 21.58 8.37 38.51
CA TYR C 65 22.75 7.51 38.64
C TYR C 65 23.65 7.58 37.42
N LEU C 66 23.09 8.01 36.29
CA LEU C 66 23.88 8.06 35.06
C LEU C 66 24.99 9.11 35.12
N LYS C 67 24.88 10.02 36.09
CA LYS C 67 25.90 11.06 36.25
C LYS C 67 27.07 10.56 37.12
N ASN C 68 27.16 9.24 37.26
CA ASN C 68 28.22 8.58 37.99
C ASN C 68 29.38 8.19 37.06
N PRO C 69 30.57 8.00 37.63
CA PRO C 69 31.75 7.64 36.82
C PRO C 69 31.63 6.23 36.26
N GLY C 70 32.13 6.03 35.04
CA GLY C 70 32.01 4.74 34.38
C GLY C 70 30.57 4.52 33.94
N GLU C 71 29.80 5.59 33.95
CA GLU C 71 28.42 5.55 33.50
C GLU C 71 28.28 6.12 32.10
N ALA C 72 27.05 6.43 31.71
CA ALA C 72 26.76 6.94 30.37
C ALA C 72 26.72 8.47 30.37
N GLY C 73 26.59 9.08 31.54
CA GLY C 73 26.57 10.52 31.65
C GLY C 73 27.56 11.02 32.68
N GLU C 74 28.67 10.32 32.84
CA GLU C 74 29.64 10.65 33.89
C GLU C 74 30.29 12.01 33.69
N ASN C 75 30.20 12.56 32.48
CA ASN C 75 30.75 13.89 32.25
C ASN C 75 29.86 14.70 31.31
N GLN C 76 29.94 16.02 31.39
CA GLN C 76 29.06 16.88 30.61
C GLN C 76 29.13 16.53 29.12
N GLU C 77 30.30 16.08 28.68
CA GLU C 77 30.57 15.69 27.31
C GLU C 77 29.64 14.59 26.84
N LYS C 78 29.64 13.47 27.56
CA LYS C 78 28.74 12.35 27.25
C LYS C 78 27.28 12.75 27.47
N ILE C 79 27.08 13.69 28.37
CA ILE C 79 25.77 14.27 28.66
C ILE C 79 25.21 14.99 27.43
N ASN C 80 26.08 15.76 26.80
CA ASN C 80 25.83 16.49 25.57
C ASN C 80 25.43 15.56 24.43
N LYS C 81 26.00 14.37 24.44
CA LYS C 81 25.73 13.36 23.44
C LYS C 81 24.34 12.76 23.63
N CYS C 82 23.89 12.67 24.88
CA CYS C 82 22.57 12.16 25.20
C CYS C 82 21.47 13.03 24.60
N TYR C 83 21.56 14.32 24.86
CA TYR C 83 20.58 15.28 24.33
C TYR C 83 20.67 15.37 22.81
N ARG C 84 21.87 15.12 22.30
CA ARG C 84 22.20 15.15 20.88
C ARG C 84 21.47 14.04 20.12
N ASP C 85 21.45 12.84 20.70
CA ASP C 85 20.75 11.72 20.13
C ASP C 85 19.24 11.93 20.21
N ILE C 86 18.80 12.44 21.36
CA ILE C 86 17.39 12.74 21.56
C ILE C 86 16.90 13.65 20.43
N ASP C 87 17.78 14.58 20.04
CA ASP C 87 17.50 15.50 18.94
C ASP C 87 17.56 14.79 17.59
N HIS C 88 18.43 13.78 17.48
CA HIS C 88 18.47 12.98 16.26
C HIS C 88 17.14 12.28 16.03
N TYR C 89 16.65 11.61 17.07
CA TYR C 89 15.40 10.87 17.07
C TYR C 89 14.21 11.78 16.74
N MET C 90 14.18 12.95 17.40
CA MET C 90 13.13 13.93 17.18
C MET C 90 13.19 14.47 15.75
N ARG C 91 14.40 14.58 15.21
CA ARG C 91 14.59 15.08 13.85
C ARG C 91 14.19 14.02 12.82
N LEU C 92 14.38 12.76 13.17
CA LEU C 92 13.94 11.67 12.29
C LEU C 92 12.43 11.48 12.41
N VAL C 93 11.88 11.84 13.56
CA VAL C 93 10.44 11.83 13.80
C VAL C 93 9.75 12.81 12.85
N ASN C 94 10.34 14.00 12.76
CA ASN C 94 9.89 15.06 11.85
C ASN C 94 9.99 14.59 10.41
N TYR C 95 11.04 13.80 10.14
CA TYR C 95 11.25 13.20 8.84
C TYR C 95 10.14 12.21 8.51
N SER C 96 9.84 11.35 9.48
CA SER C 96 8.79 10.36 9.36
C SER C 96 7.42 11.00 9.25
N LEU C 97 7.26 12.17 9.85
CA LEU C 97 6.01 12.93 9.73
C LEU C 97 5.89 13.55 8.34
N VAL C 98 7.02 14.01 7.79
CA VAL C 98 6.99 14.62 6.47
C VAL C 98 6.85 13.55 5.38
N ILE C 99 7.52 12.42 5.61
CA ILE C 99 7.43 11.30 4.67
C ILE C 99 6.08 10.59 4.81
N GLY C 100 5.52 10.63 6.01
CA GLY C 100 4.24 9.98 6.26
C GLY C 100 4.43 8.49 6.49
N GLY C 101 5.68 8.08 6.64
CA GLY C 101 6.07 6.72 6.93
C GLY C 101 7.14 6.65 8.00
N THR C 102 7.53 5.45 8.41
CA THR C 102 8.50 5.29 9.49
C THR C 102 9.90 4.99 8.97
N GLY C 103 10.16 5.30 7.71
CA GLY C 103 11.43 5.06 7.08
C GLY C 103 12.62 5.76 7.70
N PRO C 104 12.59 7.08 7.79
CA PRO C 104 13.69 7.85 8.35
C PRO C 104 14.14 7.35 9.73
N LEU C 105 13.17 7.04 10.57
CA LEU C 105 13.44 6.46 11.89
C LEU C 105 13.95 5.03 11.76
N ASP C 106 13.34 4.27 10.85
CA ASP C 106 13.64 2.86 10.65
C ASP C 106 15.10 2.61 10.29
N GLU C 107 15.60 3.36 9.31
CA GLU C 107 16.95 3.11 8.80
C GLU C 107 18.00 3.97 9.48
N TRP C 108 17.60 5.16 9.91
CA TRP C 108 18.55 6.15 10.44
C TRP C 108 18.63 6.11 11.95
N GLY C 109 17.65 5.49 12.61
CA GLY C 109 17.67 5.48 14.05
C GLY C 109 17.56 4.11 14.67
N ILE C 110 16.63 3.29 14.15
CA ILE C 110 16.30 2.03 14.81
C ILE C 110 17.18 0.88 14.35
N ALA C 111 17.61 0.86 13.09
CA ALA C 111 18.45 -0.26 12.65
C ALA C 111 19.85 -0.16 13.26
N GLY C 112 20.22 -1.16 14.03
CA GLY C 112 21.51 -1.30 14.67
C GLY C 112 21.56 -0.73 16.08
N ALA C 113 20.57 0.07 16.45
CA ALA C 113 20.52 0.70 17.76
C ALA C 113 20.79 -0.29 18.89
N ARG C 114 20.06 -1.40 18.91
CA ARG C 114 20.21 -2.37 19.99
C ARG C 114 21.66 -2.82 20.12
N GLU C 115 22.27 -3.23 19.01
CA GLU C 115 23.66 -3.62 19.01
C GLU C 115 24.57 -2.49 19.47
N VAL C 116 24.26 -1.28 19.03
CA VAL C 116 25.10 -0.12 19.33
C VAL C 116 24.98 0.27 20.80
N TYR C 117 23.78 0.26 21.35
CA TYR C 117 23.55 0.69 22.73
C TYR C 117 23.97 -0.39 23.72
N ARG C 118 23.89 -1.65 23.28
CA ARG C 118 24.38 -2.73 24.15
C ARG C 118 25.91 -2.75 24.16
N THR C 119 26.49 -2.63 22.96
CA THR C 119 27.94 -2.61 22.83
C THR C 119 28.56 -1.39 23.51
N LEU C 120 27.81 -0.29 23.56
CA LEU C 120 28.31 0.97 24.07
C LEU C 120 27.77 1.31 25.46
N ASN C 121 27.06 0.37 26.06
CA ASN C 121 26.56 0.48 27.42
C ASN C 121 25.67 1.70 27.63
N LEU C 122 24.66 1.86 26.79
CA LEU C 122 23.71 2.96 27.00
C LEU C 122 22.33 2.39 27.32
N PRO C 123 21.89 2.61 28.55
CA PRO C 123 20.62 2.04 29.02
C PRO C 123 19.44 2.50 28.16
N THR C 124 18.66 1.52 27.73
CA THR C 124 17.53 1.71 26.84
C THR C 124 16.37 2.44 27.52
N SER C 125 16.24 2.22 28.82
CA SER C 125 15.17 2.80 29.62
C SER C 125 15.29 4.32 29.68
N ALA C 126 16.51 4.83 29.56
CA ALA C 126 16.75 6.27 29.57
C ALA C 126 16.18 6.93 28.32
N TYR C 127 16.36 6.28 27.18
CA TYR C 127 15.84 6.69 25.90
C TYR C 127 14.31 6.70 25.90
N ILE C 128 13.75 5.59 26.38
CA ILE C 128 12.31 5.44 26.54
C ILE C 128 11.74 6.45 27.51
N ALA C 129 12.50 6.80 28.55
CA ALA C 129 12.05 7.81 29.49
C ALA C 129 12.01 9.19 28.84
N ALA C 130 12.92 9.40 27.88
CA ALA C 130 12.98 10.67 27.17
C ALA C 130 11.81 10.81 26.20
N PHE C 131 11.44 9.71 25.55
CA PHE C 131 10.38 9.73 24.56
C PHE C 131 9.01 9.49 25.17
N ALA C 132 8.97 8.93 26.38
CA ALA C 132 7.67 8.80 27.06
C ALA C 132 7.21 10.15 27.59
N PHE C 133 8.18 10.92 28.10
CA PHE C 133 7.94 12.27 28.58
C PHE C 133 7.49 13.19 27.45
N THR C 134 8.16 13.05 26.31
CA THR C 134 7.90 13.86 25.13
C THR C 134 6.48 13.63 24.62
N ARG C 135 6.07 12.37 24.64
CA ARG C 135 4.75 11.97 24.17
C ARG C 135 3.64 12.50 25.07
N ASP C 136 3.86 12.41 26.38
CA ASP C 136 2.83 12.77 27.35
C ASP C 136 2.86 14.25 27.69
N ARG C 137 3.96 14.93 27.42
CA ARG C 137 4.03 16.37 27.59
C ARG C 137 3.08 17.08 26.60
N LEU C 138 2.84 16.44 25.47
CA LEU C 138 1.97 16.94 24.44
C LEU C 138 0.64 17.42 25.00
N CYS C 139 0.21 18.60 24.57
CA CYS C 139 -1.08 19.13 25.00
C CYS C 139 -1.96 19.38 23.77
N GLY C 140 -2.98 18.56 23.65
CA GLY C 140 -3.93 18.39 22.59
C GLY C 140 -4.19 19.61 21.73
N PRO C 141 -4.86 20.61 22.27
CA PRO C 141 -5.16 21.83 21.52
C PRO C 141 -4.01 22.82 21.51
N ARG C 142 -3.43 23.03 22.68
CA ARG C 142 -2.37 24.00 22.93
C ARG C 142 -1.24 23.86 21.92
N ASP C 143 -0.61 22.69 21.85
CA ASP C 143 0.60 22.53 21.06
C ASP C 143 0.34 22.32 19.57
N MET C 144 -0.67 21.53 19.22
CA MET C 144 -0.98 21.22 17.83
C MET C 144 -2.45 20.85 17.67
N SER C 145 -2.90 20.63 16.44
CA SER C 145 -4.28 20.16 16.26
C SER C 145 -4.46 18.76 16.84
N ALA C 146 -5.70 18.31 16.94
CA ALA C 146 -5.99 17.00 17.51
C ALA C 146 -5.35 15.87 16.71
N GLN C 147 -5.53 15.88 15.39
CA GLN C 147 -5.01 14.80 14.56
C GLN C 147 -3.51 14.93 14.35
N ALA C 148 -2.98 16.12 14.59
CA ALA C 148 -1.53 16.33 14.54
C ALA C 148 -0.88 15.67 15.76
N GLY C 149 -1.60 15.65 16.87
CA GLY C 149 -1.12 15.05 18.11
C GLY C 149 -1.09 13.53 18.01
N VAL C 150 -2.03 13.00 17.24
CA VAL C 150 -2.11 11.59 16.93
C VAL C 150 -0.84 11.11 16.23
N GLU C 151 -0.44 11.85 15.21
CA GLU C 151 0.75 11.58 14.43
C GLU C 151 2.03 11.81 15.24
N TYR C 152 1.94 12.71 16.21
CA TYR C 152 3.03 12.99 17.13
C TYR C 152 3.28 11.80 18.05
N SER C 153 2.21 11.33 18.68
CA SER C 153 2.24 10.24 19.64
C SER C 153 2.48 8.90 18.96
N THR C 154 1.91 8.74 17.78
CA THR C 154 2.11 7.53 16.98
C THR C 154 3.59 7.32 16.71
N ALA C 155 4.26 8.38 16.29
CA ALA C 155 5.69 8.33 15.98
C ALA C 155 6.51 8.02 17.23
N LEU C 156 6.20 8.71 18.32
CA LEU C 156 6.89 8.52 19.60
C LEU C 156 6.61 7.14 20.17
N ASP C 157 5.39 6.65 19.96
CA ASP C 157 5.05 5.31 20.42
C ASP C 157 5.85 4.28 19.64
N TYR C 158 6.10 4.61 18.37
CA TYR C 158 6.85 3.72 17.50
C TYR C 158 8.29 3.55 17.97
N ILE C 159 8.93 4.65 18.33
CA ILE C 159 10.28 4.66 18.84
C ILE C 159 10.39 3.86 20.14
N ILE C 160 9.36 3.95 20.97
CA ILE C 160 9.32 3.30 22.28
C ILE C 160 9.20 1.79 22.15
N ASN C 161 8.30 1.33 21.31
CA ASN C 161 8.10 -0.09 21.06
C ASN C 161 9.35 -0.74 20.50
N SER C 162 10.13 0.05 19.76
CA SER C 162 11.35 -0.44 19.13
C SER C 162 12.46 -0.66 20.17
N LEU C 163 12.35 0.02 21.31
CA LEU C 163 13.37 -0.03 22.34
C LEU C 163 12.95 -0.89 23.52
N SER C 164 11.82 -1.60 23.38
CA SER C 164 11.29 -2.41 24.44
C SER C 164 10.99 -3.86 23.87
N MET D 1 13.89 3.07 -2.53
CA MET D 1 13.47 4.09 -3.47
C MET D 1 12.86 5.30 -2.77
N LEU D 2 12.99 6.48 -3.39
CA LEU D 2 12.45 7.68 -2.77
C LEU D 2 11.28 8.24 -3.57
N ASP D 3 10.57 9.17 -2.93
CA ASP D 3 9.51 9.94 -3.55
C ASP D 3 9.76 11.43 -3.31
N ALA D 4 8.78 12.26 -3.63
CA ALA D 4 8.94 13.70 -3.45
C ALA D 4 9.30 14.07 -2.02
N PHE D 5 8.74 13.37 -1.05
CA PHE D 5 8.86 13.74 0.36
C PHE D 5 10.17 13.23 0.97
N SER D 6 10.52 11.98 0.71
CA SER D 6 11.77 11.40 1.23
C SER D 6 12.97 11.99 0.49
N ARG D 7 12.70 12.67 -0.61
CA ARG D 7 13.78 13.29 -1.38
C ARG D 7 14.27 14.57 -0.69
N VAL D 8 13.34 15.23 -0.01
CA VAL D 8 13.61 16.47 0.71
C VAL D 8 14.28 16.16 2.05
N ILE D 9 13.82 15.07 2.66
CA ILE D 9 14.34 14.53 3.89
C ILE D 9 15.78 14.10 3.75
N SER D 10 16.11 13.54 2.59
CA SER D 10 17.48 13.14 2.28
C SER D 10 18.39 14.36 2.19
N ASN D 11 17.90 15.38 1.51
CA ASN D 11 18.63 16.62 1.29
C ASN D 11 18.69 17.45 2.56
N ALA D 12 17.68 17.34 3.41
CA ALA D 12 17.69 18.08 4.67
C ALA D 12 18.53 17.33 5.71
N ASP D 13 18.59 16.00 5.60
CA ASP D 13 19.44 15.23 6.51
C ASP D 13 20.91 15.60 6.33
N ALA D 14 21.30 15.87 5.09
CA ALA D 14 22.68 16.19 4.76
C ALA D 14 23.20 17.37 5.59
N LYS D 15 22.28 18.23 5.99
CA LYS D 15 22.59 19.38 6.84
C LYS D 15 22.12 19.14 8.27
N ALA D 16 21.60 17.95 8.55
CA ALA D 16 21.10 17.64 9.88
C ALA D 16 20.12 18.70 10.36
N ALA D 17 19.21 19.10 9.48
CA ALA D 17 18.22 20.13 9.76
C ALA D 17 16.79 19.61 9.62
N TYR D 18 15.97 19.85 10.64
CA TYR D 18 14.55 19.53 10.54
C TYR D 18 13.97 20.12 9.25
N VAL D 19 12.81 19.65 8.81
CA VAL D 19 12.20 20.21 7.62
C VAL D 19 11.25 21.35 8.00
N GLY D 20 11.44 22.51 7.40
CA GLY D 20 10.66 23.69 7.73
C GLY D 20 9.92 24.27 6.55
N GLY D 21 9.71 25.58 6.57
CA GLY D 21 8.95 26.31 5.58
C GLY D 21 9.37 26.09 4.15
N SER D 22 10.57 26.53 3.79
CA SER D 22 11.12 26.50 2.45
C SER D 22 10.80 25.17 1.75
N ASP D 23 11.08 24.07 2.44
CA ASP D 23 10.91 22.74 1.88
C ASP D 23 9.50 22.21 2.07
N LEU D 24 8.82 22.70 3.11
CA LEU D 24 7.46 22.23 3.38
C LEU D 24 6.46 22.79 2.37
N GLN D 25 6.70 24.01 1.91
CA GLN D 25 5.80 24.69 0.99
C GLN D 25 5.54 23.85 -0.25
N ALA D 26 6.61 23.51 -0.95
CA ALA D 26 6.56 22.73 -2.18
C ALA D 26 5.90 21.37 -1.96
N LEU D 27 6.13 20.75 -0.81
CA LEU D 27 5.51 19.45 -0.53
C LEU D 27 4.04 19.64 -0.19
N ARG D 28 3.69 20.84 0.27
CA ARG D 28 2.29 21.18 0.48
C ARG D 28 1.55 21.33 -0.85
N THR D 29 2.29 21.81 -1.85
CA THR D 29 1.73 21.96 -3.19
C THR D 29 1.53 20.60 -3.85
N PHE D 30 2.47 19.69 -3.60
CA PHE D 30 2.32 18.32 -4.07
C PHE D 30 0.95 17.77 -3.68
N ILE D 31 0.57 18.04 -2.44
CA ILE D 31 -0.71 17.57 -1.91
C ILE D 31 -1.86 18.26 -2.65
N SER D 32 -1.86 19.58 -2.61
CA SER D 32 -2.88 20.41 -3.24
C SER D 32 -3.16 19.96 -4.67
N ASP D 33 -2.11 19.94 -5.47
CA ASP D 33 -2.19 19.56 -6.89
C ASP D 33 -2.23 18.04 -7.04
N GLY D 34 -2.17 17.33 -5.92
CA GLY D 34 -2.09 15.90 -5.84
C GLY D 34 -3.14 15.14 -6.60
N ASN D 35 -4.32 15.72 -6.78
CA ASN D 35 -5.37 15.02 -7.52
C ASN D 35 -5.10 15.04 -9.02
N LYS D 36 -4.40 16.07 -9.48
CA LYS D 36 -4.02 16.17 -10.88
C LYS D 36 -3.06 15.05 -11.26
N ARG D 37 -2.16 14.73 -10.33
CA ARG D 37 -1.13 13.73 -10.45
C ARG D 37 -1.70 12.33 -10.63
N LEU D 38 -2.69 11.98 -9.82
CA LEU D 38 -3.30 10.65 -9.88
C LEU D 38 -3.98 10.43 -11.22
N ASP D 39 -4.56 11.49 -11.76
CA ASP D 39 -5.11 11.47 -13.11
C ASP D 39 -3.98 11.33 -14.13
N ALA D 40 -2.94 12.14 -13.95
CA ALA D 40 -1.76 12.09 -14.80
C ALA D 40 -1.21 10.67 -14.89
N VAL D 41 -1.09 10.00 -13.75
CA VAL D 41 -0.62 8.62 -13.71
C VAL D 41 -1.62 7.69 -14.38
N ASN D 42 -2.91 7.95 -14.16
CA ASN D 42 -3.97 7.13 -14.73
C ASN D 42 -4.04 7.27 -16.25
N TYR D 43 -3.71 8.46 -16.76
CA TYR D 43 -3.74 8.69 -18.21
C TYR D 43 -2.70 7.82 -18.91
N ILE D 44 -1.66 7.46 -18.17
CA ILE D 44 -0.63 6.58 -18.67
C ILE D 44 -1.05 5.12 -18.59
N VAL D 45 -1.40 4.66 -17.39
CA VAL D 45 -1.74 3.25 -17.18
C VAL D 45 -3.05 2.89 -17.88
N SER D 46 -3.76 3.88 -18.40
CA SER D 46 -5.02 3.62 -19.09
C SER D 46 -4.79 3.42 -20.59
N ASN D 47 -3.71 4.00 -21.11
CA ASN D 47 -3.36 3.83 -22.51
C ASN D 47 -1.95 3.27 -22.69
N SER D 48 -1.50 2.53 -21.68
CA SER D 48 -0.16 1.96 -21.66
C SER D 48 0.08 1.04 -22.84
N SER D 49 -0.98 0.41 -23.32
CA SER D 49 -0.84 -0.52 -24.43
C SER D 49 -0.63 0.21 -25.75
N CYS D 50 -1.43 1.24 -26.00
CA CYS D 50 -1.35 1.98 -27.26
C CYS D 50 -0.04 2.73 -27.40
N ILE D 51 0.47 3.26 -26.30
CA ILE D 51 1.72 4.01 -26.30
C ILE D 51 2.91 3.14 -26.68
N VAL D 52 2.92 1.90 -26.20
CA VAL D 52 4.02 0.99 -26.43
C VAL D 52 4.01 0.41 -27.84
N SER D 53 2.84 -0.06 -28.25
CA SER D 53 2.71 -0.62 -29.59
C SER D 53 2.90 0.46 -30.66
N ASP D 54 2.43 1.66 -30.38
CA ASP D 54 2.58 2.79 -31.31
C ASP D 54 4.03 3.23 -31.42
N ALA D 55 4.77 3.19 -30.31
CA ALA D 55 6.14 3.65 -30.28
C ALA D 55 7.11 2.62 -30.86
N ILE D 56 6.89 1.34 -30.57
CA ILE D 56 7.76 0.32 -31.15
C ILE D 56 7.50 0.24 -32.66
N SER D 57 6.24 0.41 -33.01
CA SER D 57 5.75 0.33 -34.38
C SER D 57 6.23 1.51 -35.21
N GLY D 58 6.21 2.69 -34.61
CA GLY D 58 6.66 3.90 -35.26
C GLY D 58 8.15 3.87 -35.54
N MET D 59 8.91 3.46 -34.54
CA MET D 59 10.36 3.35 -34.64
C MET D 59 10.79 2.39 -35.74
N ILE D 60 9.90 1.47 -36.07
CA ILE D 60 10.20 0.48 -37.12
C ILE D 60 9.74 1.00 -38.48
N CYS D 61 8.56 1.63 -38.53
CA CYS D 61 8.10 2.14 -39.83
C CYS D 61 9.07 3.19 -40.37
N GLU D 62 9.75 3.88 -39.46
CA GLU D 62 10.74 4.89 -39.84
C GLU D 62 12.13 4.27 -40.02
N ASN D 63 12.33 3.08 -39.47
CA ASN D 63 13.56 2.32 -39.64
C ASN D 63 13.22 0.86 -39.92
N PRO D 64 12.79 0.60 -41.15
CA PRO D 64 12.35 -0.75 -41.53
C PRO D 64 13.51 -1.75 -41.44
N GLY D 65 14.73 -1.23 -41.38
CA GLY D 65 15.93 -2.02 -41.24
C GLY D 65 15.97 -2.84 -39.97
N LEU D 66 15.06 -2.56 -39.05
CA LEU D 66 14.96 -3.25 -37.78
C LEU D 66 14.31 -4.63 -37.92
N ILE D 67 13.34 -4.73 -38.83
CA ILE D 67 12.61 -5.98 -39.00
C ILE D 67 13.18 -6.79 -40.17
N THR D 68 14.42 -6.47 -40.50
CA THR D 68 15.21 -7.08 -41.54
C THR D 68 16.17 -8.11 -40.95
N PRO D 69 16.46 -9.17 -41.68
CA PRO D 69 17.47 -10.14 -41.23
C PRO D 69 18.77 -9.43 -40.86
N GLY D 70 18.94 -9.15 -39.57
CA GLY D 70 20.08 -8.41 -39.06
C GLY D 70 19.64 -7.25 -38.20
N GLY D 71 18.34 -7.00 -38.19
CA GLY D 71 17.74 -5.99 -37.33
C GLY D 71 17.41 -6.56 -35.96
N CYS D 73 14.81 -6.19 -34.25
CA CYS D 73 13.39 -6.51 -34.11
C CYS D 73 12.99 -7.65 -35.04
N TYR D 74 13.98 -8.29 -35.67
CA TYR D 74 13.75 -9.41 -36.58
C TYR D 74 13.51 -10.70 -35.80
N THR D 75 12.48 -11.42 -36.21
CA THR D 75 11.90 -12.61 -35.61
C THR D 75 10.84 -12.20 -34.58
N ASN D 76 9.89 -13.09 -34.32
CA ASN D 76 8.85 -12.78 -33.35
C ASN D 76 9.41 -12.54 -31.95
N ARG D 77 10.47 -13.28 -31.64
CA ARG D 77 11.10 -13.31 -30.32
C ARG D 77 11.82 -12.00 -30.02
N ARG D 78 12.37 -11.34 -31.03
CA ARG D 78 13.01 -10.04 -30.81
C ARG D 78 11.97 -8.93 -30.79
N MET D 79 10.91 -9.09 -31.58
CA MET D 79 9.82 -8.11 -31.52
C MET D 79 9.18 -8.13 -30.14
N ALA D 80 8.93 -9.33 -29.63
CA ALA D 80 8.21 -9.49 -28.37
C ALA D 80 9.04 -8.99 -27.19
N ALA D 81 10.36 -9.10 -27.31
CA ALA D 81 11.23 -8.61 -26.25
C ALA D 81 11.30 -7.08 -26.26
N CYS D 82 11.24 -6.49 -27.44
CA CYS D 82 11.27 -5.04 -27.56
C CYS D 82 9.96 -4.41 -27.11
N LEU D 83 8.83 -5.04 -27.43
CA LEU D 83 7.54 -4.54 -26.97
C LEU D 83 7.47 -4.58 -25.44
N ARG D 84 8.02 -5.65 -24.89
CA ARG D 84 8.09 -5.92 -23.46
C ARG D 84 8.99 -4.92 -22.76
N ASP D 85 10.09 -4.53 -23.40
CA ASP D 85 11.01 -3.55 -22.86
C ASP D 85 10.39 -2.17 -22.82
N GLY D 86 9.56 -1.86 -23.82
CA GLY D 86 8.88 -0.58 -23.93
C GLY D 86 7.82 -0.44 -22.84
N GLU D 87 7.15 -1.55 -22.58
CA GLU D 87 6.15 -1.69 -21.53
C GLU D 87 6.76 -1.54 -20.14
N ILE D 88 7.92 -2.14 -19.95
CA ILE D 88 8.66 -2.05 -18.71
C ILE D 88 9.16 -0.62 -18.47
N ILE D 89 9.62 0.00 -19.56
CA ILE D 89 10.12 1.36 -19.47
C ILE D 89 8.99 2.32 -19.15
N LEU D 90 7.88 2.17 -19.87
CA LEU D 90 6.71 3.02 -19.65
C LEU D 90 6.12 2.81 -18.26
N ARG D 91 6.39 1.63 -17.69
CA ARG D 91 5.89 1.29 -16.36
C ARG D 91 6.70 1.98 -15.27
N TYR D 92 8.02 2.00 -15.42
CA TYR D 92 8.86 2.63 -14.40
C TYR D 92 8.73 4.15 -14.44
N ILE D 93 8.46 4.67 -15.64
CA ILE D 93 8.21 6.09 -15.80
C ILE D 93 6.95 6.49 -15.03
N SER D 94 5.93 5.64 -15.13
CA SER D 94 4.67 5.82 -14.45
C SER D 94 4.82 5.76 -12.94
N TYR D 95 5.81 5.00 -12.49
CA TYR D 95 6.11 4.86 -11.07
C TYR D 95 6.66 6.16 -10.49
N ALA D 96 7.60 6.74 -11.23
CA ALA D 96 8.27 7.98 -10.88
C ALA D 96 7.32 9.17 -10.92
N LEU D 97 6.27 9.02 -11.72
CA LEU D 97 5.25 10.07 -11.83
C LEU D 97 4.33 10.01 -10.62
N LEU D 98 4.02 8.81 -10.14
CA LEU D 98 3.21 8.65 -8.93
C LEU D 98 3.96 9.09 -7.68
N ALA D 99 5.29 8.97 -7.71
CA ALA D 99 6.13 9.32 -6.59
C ALA D 99 6.66 10.74 -6.65
N GLY D 100 6.75 11.29 -7.86
CA GLY D 100 7.34 12.61 -8.03
C GLY D 100 8.85 12.56 -7.82
N ASP D 101 9.41 11.39 -8.12
CA ASP D 101 10.85 11.17 -8.07
C ASP D 101 11.28 10.13 -9.11
N SER D 102 12.50 10.31 -9.59
CA SER D 102 13.13 9.48 -10.60
C SER D 102 13.97 8.36 -9.98
N SER D 103 14.04 8.34 -8.66
CA SER D 103 14.84 7.33 -7.98
C SER D 103 14.46 5.93 -8.41
N VAL D 104 13.18 5.65 -8.61
CA VAL D 104 12.72 4.29 -8.89
C VAL D 104 12.95 3.88 -10.34
N LEU D 105 12.91 4.84 -11.26
CA LEU D 105 13.14 4.57 -12.67
C LEU D 105 14.62 4.33 -12.97
N GLU D 106 15.50 4.92 -12.17
CA GLU D 106 16.93 4.81 -12.41
C GLU D 106 17.58 3.71 -11.58
N ASP D 107 16.99 3.42 -10.43
CA ASP D 107 17.51 2.42 -9.51
C ASP D 107 17.16 1.01 -9.99
N ARG D 108 15.98 0.86 -10.59
CA ARG D 108 15.48 -0.47 -10.92
C ARG D 108 15.33 -0.65 -12.42
N CYS D 109 15.48 0.40 -13.22
CA CYS D 109 15.32 0.26 -14.66
C CYS D 109 16.57 0.71 -15.41
N LEU D 110 16.89 1.99 -15.30
CA LEU D 110 17.96 2.62 -16.05
C LEU D 110 19.34 2.31 -15.45
N ASN D 111 19.35 1.52 -14.38
CA ASN D 111 20.59 1.12 -13.75
C ASN D 111 21.22 -0.06 -14.49
N GLY D 112 22.08 0.24 -15.46
CA GLY D 112 22.79 -0.77 -16.22
C GLY D 112 22.06 -1.21 -17.48
N LEU D 113 21.13 -0.39 -17.93
CA LEU D 113 20.32 -0.68 -19.11
C LEU D 113 21.14 -0.60 -20.39
N LYS D 114 21.77 0.56 -20.62
CA LYS D 114 22.53 0.76 -21.85
C LYS D 114 23.60 -0.32 -22.00
N GLU D 115 24.46 -0.42 -20.99
CA GLU D 115 25.53 -1.40 -20.93
C GLU D 115 25.00 -2.80 -21.22
N THR D 116 23.77 -3.03 -20.77
CA THR D 116 23.04 -4.26 -21.05
C THR D 116 22.74 -4.38 -22.55
N TYR D 117 22.29 -3.27 -23.13
CA TYR D 117 21.99 -3.20 -24.55
C TYR D 117 23.25 -3.36 -25.40
N ILE D 118 24.37 -2.84 -24.89
CA ILE D 118 25.65 -2.99 -25.55
C ILE D 118 25.99 -4.45 -25.80
N ALA D 119 25.88 -5.25 -24.75
CA ALA D 119 26.14 -6.68 -24.78
C ALA D 119 25.22 -7.43 -25.73
N LEU D 120 23.93 -7.16 -25.66
CA LEU D 120 22.96 -7.90 -26.47
C LEU D 120 23.00 -7.48 -27.93
N GLY D 121 23.46 -6.25 -28.18
CA GLY D 121 23.45 -5.70 -29.52
C GLY D 121 22.13 -4.99 -29.82
N VAL D 122 21.44 -4.61 -28.75
CA VAL D 122 20.21 -3.85 -28.85
C VAL D 122 20.52 -2.39 -29.19
N PRO D 123 20.00 -1.91 -30.30
CA PRO D 123 20.33 -0.55 -30.76
C PRO D 123 19.79 0.49 -29.78
N THR D 124 20.69 1.21 -29.14
CA THR D 124 20.32 2.27 -28.20
C THR D 124 19.71 3.45 -28.92
N ASN D 125 20.19 3.70 -30.13
CA ASN D 125 19.73 4.83 -30.94
C ASN D 125 18.27 4.64 -31.35
N SER D 126 17.91 3.41 -31.68
CA SER D 126 16.53 3.11 -32.05
C SER D 126 15.61 3.16 -30.83
N THR D 127 16.11 2.62 -29.72
CA THR D 127 15.41 2.63 -28.44
C THR D 127 15.12 4.06 -28.00
N VAL D 128 16.07 4.96 -28.27
CA VAL D 128 15.92 6.36 -27.91
C VAL D 128 14.81 7.01 -28.74
N ARG D 129 14.56 6.45 -29.92
CA ARG D 129 13.44 6.92 -30.74
C ARG D 129 12.10 6.43 -30.17
N ALA D 130 12.03 5.12 -29.90
CA ALA D 130 10.82 4.54 -29.31
C ALA D 130 10.38 5.33 -28.08
N VAL D 131 11.36 5.67 -27.24
CA VAL D 131 11.10 6.42 -26.02
C VAL D 131 10.58 7.81 -26.34
N SER D 132 11.06 8.38 -27.43
CA SER D 132 10.70 9.72 -27.86
C SER D 132 9.24 9.79 -28.29
N ILE D 133 8.77 8.71 -28.91
CA ILE D 133 7.36 8.71 -29.33
C ILE D 133 6.47 8.50 -28.11
N MET D 134 6.92 7.63 -27.20
CA MET D 134 6.19 7.39 -25.95
C MET D 134 6.07 8.67 -25.14
N LYS D 135 7.12 9.49 -25.19
CA LYS D 135 7.09 10.77 -24.48
C LYS D 135 6.02 11.66 -25.09
N ALA D 136 5.94 11.65 -26.41
CA ALA D 136 4.91 12.39 -27.15
C ALA D 136 3.53 11.84 -26.86
N ALA D 137 3.35 10.53 -26.98
CA ALA D 137 2.07 9.91 -26.65
C ALA D 137 1.68 10.20 -25.20
N VAL D 138 2.61 9.96 -24.29
CA VAL D 138 2.35 10.22 -22.87
C VAL D 138 1.96 11.68 -22.66
N GLY D 139 2.83 12.59 -23.09
CA GLY D 139 2.58 14.01 -22.97
C GLY D 139 1.20 14.41 -23.46
N ALA D 140 0.69 13.75 -24.49
CA ALA D 140 -0.61 14.09 -25.06
C ALA D 140 -1.75 13.57 -24.21
N PHE D 141 -1.61 12.35 -23.71
CA PHE D 141 -2.66 11.73 -22.90
C PHE D 141 -2.82 12.41 -21.53
N ILE D 142 -1.77 13.09 -21.07
CA ILE D 142 -1.88 13.81 -19.80
C ILE D 142 -2.59 15.14 -19.98
N SER D 143 -2.26 15.87 -21.03
CA SER D 143 -2.87 17.15 -21.32
C SER D 143 -4.29 16.99 -21.84
N ASN D 144 -4.68 15.75 -22.15
CA ASN D 144 -6.01 15.48 -22.71
C ASN D 144 -6.11 16.01 -24.13
N THR D 145 -4.97 16.12 -24.81
CA THR D 145 -4.94 16.57 -26.19
C THR D 145 -4.69 15.41 -27.14
N ALA D 146 -4.80 14.18 -26.64
CA ALA D 146 -4.62 12.97 -27.43
C ALA D 146 -5.38 13.05 -28.75
N SER D 147 -4.68 12.79 -29.85
CA SER D 147 -5.29 12.88 -31.17
C SER D 147 -6.58 12.06 -31.25
N GLN D 148 -6.57 10.89 -30.63
CA GLN D 148 -7.73 10.00 -30.72
C GLN D 148 -8.47 9.89 -29.39
N ARG D 149 -7.74 9.92 -28.27
CA ARG D 149 -8.36 9.76 -26.96
C ARG D 149 -8.75 11.09 -26.37
N LYS D 150 -10.03 11.24 -26.06
CA LYS D 150 -10.58 12.45 -25.45
C LYS D 150 -11.46 12.12 -24.26
N GLY D 151 -10.94 12.36 -23.06
CA GLY D 151 -11.63 12.06 -21.82
C GLY D 151 -12.28 13.28 -21.21
N GLU D 152 -12.97 13.10 -20.07
CA GLU D 152 -13.72 14.18 -19.45
C GLU D 152 -13.24 14.48 -18.05
N VAL D 153 -12.03 15.04 -17.93
CA VAL D 153 -11.49 15.46 -16.63
C VAL D 153 -11.61 16.96 -16.47
N ILE D 154 -11.87 17.45 -15.26
CA ILE D 154 -12.13 18.88 -15.10
C ILE D 154 -10.88 19.70 -15.43
N GLU D 155 -11.07 20.63 -16.37
CA GLU D 155 -10.02 21.40 -17.00
C GLU D 155 -9.16 22.18 -16.01
N GLY D 156 -7.88 22.27 -16.34
CA GLY D 156 -6.88 22.93 -15.51
C GLY D 156 -5.50 22.88 -16.13
N ASP D 157 -4.49 23.23 -15.35
CA ASP D 157 -3.11 23.29 -15.82
C ASP D 157 -2.29 22.09 -15.37
N CYS D 158 -1.80 21.32 -16.33
CA CYS D 158 -1.00 20.13 -16.06
C CYS D 158 0.34 20.20 -16.77
N SER D 159 0.90 21.41 -16.86
CA SER D 159 2.16 21.62 -17.58
C SER D 159 3.36 21.24 -16.71
N ALA D 160 3.20 21.38 -15.40
CA ALA D 160 4.26 20.96 -14.48
C ALA D 160 4.38 19.43 -14.46
N LEU D 161 3.23 18.76 -14.65
CA LEU D 161 3.16 17.31 -14.71
C LEU D 161 3.68 16.78 -16.04
N ALA D 162 3.31 17.47 -17.11
CA ALA D 162 3.80 17.16 -18.45
C ALA D 162 5.31 17.38 -18.52
N ALA D 163 5.76 18.49 -17.97
CA ALA D 163 7.19 18.81 -17.98
C ALA D 163 7.99 17.84 -17.12
N GLU D 164 7.33 17.28 -16.11
CA GLU D 164 7.95 16.35 -15.18
C GLU D 164 8.06 14.96 -15.78
N ILE D 165 7.02 14.54 -16.49
CA ILE D 165 7.03 13.21 -17.10
C ILE D 165 7.97 13.18 -18.30
N ALA D 166 8.03 14.29 -19.01
CA ALA D 166 8.97 14.43 -20.12
C ALA D 166 10.41 14.32 -19.61
N SER D 167 10.68 14.92 -18.46
CA SER D 167 12.01 14.86 -17.86
C SER D 167 12.41 13.42 -17.56
N TYR D 168 11.45 12.62 -17.12
CA TYR D 168 11.66 11.22 -16.82
C TYR D 168 11.98 10.42 -18.08
N CYS D 169 11.28 10.76 -19.16
CA CYS D 169 11.49 10.16 -20.47
C CYS D 169 12.88 10.53 -20.98
N ASP D 170 13.32 11.73 -20.59
CA ASP D 170 14.58 12.28 -21.05
C ASP D 170 15.76 11.62 -20.33
N ARG D 171 15.54 11.20 -19.09
CA ARG D 171 16.61 10.52 -18.35
C ARG D 171 16.74 9.07 -18.81
N ILE D 172 15.73 8.56 -19.51
CA ILE D 172 15.75 7.22 -20.07
C ILE D 172 16.68 7.17 -21.29
N SER D 173 16.44 8.12 -22.20
CA SER D 173 17.27 8.27 -23.38
C SER D 173 18.70 8.67 -23.01
N ALA D 174 18.80 9.58 -22.05
CA ALA D 174 20.08 10.09 -21.58
C ALA D 174 20.93 8.98 -20.98
N ALA D 175 20.26 7.93 -20.51
CA ALA D 175 20.93 6.82 -19.84
C ALA D 175 21.48 5.80 -20.84
N VAL D 176 20.75 5.55 -21.92
CA VAL D 176 21.18 4.55 -22.89
C VAL D 176 21.89 5.21 -24.07
N SER D 177 22.25 6.46 -23.88
CA SER D 177 22.92 7.32 -24.82
C SER D 177 24.27 7.84 -24.20
N ALA E 1 10.59 -23.74 9.97
CA ALA E 1 10.14 -24.72 8.99
C ALA E 1 9.31 -25.83 9.66
N ALA E 2 9.19 -25.75 10.98
CA ALA E 2 8.43 -26.73 11.74
C ALA E 2 6.94 -26.41 11.70
N PHE E 3 6.64 -25.22 11.20
CA PHE E 3 5.26 -24.76 11.03
C PHE E 3 4.64 -25.38 9.79
N ARG E 4 5.49 -25.63 8.79
CA ARG E 4 5.09 -26.23 7.53
C ARG E 4 4.71 -27.70 7.71
N ALA E 5 5.68 -28.51 8.12
CA ALA E 5 5.48 -29.94 8.29
C ALA E 5 4.33 -30.22 9.25
N ALA E 6 4.47 -29.75 10.48
CA ALA E 6 3.46 -29.95 11.51
C ALA E 6 2.23 -29.08 11.24
N ALA F 2 20.41 -11.10 -18.15
CA ALA F 2 21.64 -10.49 -18.63
C ALA F 2 21.77 -9.05 -18.13
N PHE F 3 20.72 -8.59 -17.46
CA PHE F 3 20.66 -7.20 -16.97
C PHE F 3 21.61 -7.00 -15.80
N ARG F 4 21.76 -8.04 -14.99
CA ARG F 4 22.66 -8.01 -13.85
C ARG F 4 24.11 -8.11 -14.29
N ALA F 5 24.44 -9.22 -14.94
CA ALA F 5 25.80 -9.47 -15.42
C ALA F 5 26.23 -8.40 -16.42
N ALA F 6 25.51 -8.29 -17.52
CA ALA F 6 25.86 -7.35 -18.58
C ALA F 6 25.68 -5.90 -18.13
#